data_4G9K
#
_entry.id   4G9K
#
_cell.length_a   116.120
_cell.length_b   165.560
_cell.length_c   70.000
_cell.angle_alpha   90.00
_cell.angle_beta   90.00
_cell.angle_gamma   90.00
#
_symmetry.space_group_name_H-M   'P 21 21 21'
#
loop_
_entity.id
_entity.type
_entity.pdbx_description
1 polymer 'Rotenone-insensitive NADH-ubiquinone oxidoreductase'
2 non-polymer 'FLAVIN-ADENINE DINUCLEOTIDE'
3 water water
#
_entity_poly.entity_id   1
_entity_poly.type   'polypeptide(L)'
_entity_poly.pdbx_seq_one_letter_code
;MKVIDPQHSDKPNVLILGSGWGAISFLKHIDTKKYNVSIISPRSYFLFTPLLPSAPVGTVDEKSIIEPIVNFALKKKGNV
TYYEAEATSINPDRNTVTIKSLSAVSQLYQPENHLGLHQAEPAEIKYDYLISAVGAEPNTFGIPGVTDYGHFLKEIPNSL
EIRRTFAANLEKANLLPKGDPERRRLLSIVVVGGGPTGVEAAGELQDYVHQDLRKFLPALAEEVQIHLVEALPIVLNMFE
KKLSSYAQSHLENTSIKVHLRTAVAKVEEKQLLAKTKHEDGKITEETIPYGTLIWATGNKARPVITDLFKKIPEQNSSKR
GLAVNDFLQVKGSNNIFAIGDNAFAGLPPTAQVAHQEAEYLAKNFDKMAQIPNFQKNLSSRKDKIDLLFEENNFKPFKYN
DLGALAYLGSERAIATIRSGKRTFYTGGGLMTFYLWRILYLSMILSARSRLKVFFDWIKLAFFKRDFFKGL
;
_entity_poly.pdbx_strand_id   A,B
#
# COMPACT_ATOMS: atom_id res chain seq x y z
N MET A 1 12.62 -4.05 -35.87
CA MET A 1 13.87 -3.27 -35.67
C MET A 1 14.39 -3.45 -34.24
N LYS A 2 15.56 -2.89 -33.97
CA LYS A 2 16.20 -2.88 -32.65
C LYS A 2 16.54 -4.28 -32.10
N VAL A 3 17.84 -4.60 -32.13
CA VAL A 3 18.33 -5.89 -31.64
C VAL A 3 19.43 -5.67 -30.60
N ILE A 4 19.13 -5.94 -29.33
CA ILE A 4 20.10 -5.83 -28.25
C ILE A 4 20.90 -7.13 -28.20
N ASP A 5 22.22 -7.02 -28.36
CA ASP A 5 23.10 -8.18 -28.51
C ASP A 5 24.52 -7.89 -28.01
N PRO A 6 24.82 -8.22 -26.73
CA PRO A 6 26.17 -8.06 -26.21
C PRO A 6 27.05 -9.27 -26.55
N GLN A 7 28.15 -9.02 -27.26
CA GLN A 7 29.03 -10.11 -27.72
C GLN A 7 30.50 -9.69 -27.77
N HIS A 8 31.06 -9.34 -26.61
CA HIS A 8 32.50 -9.15 -26.45
C HIS A 8 33.03 -10.07 -25.38
N SER A 9 32.39 -10.06 -24.22
CA SER A 9 32.74 -10.95 -23.12
C SER A 9 32.53 -12.41 -23.55
N ASP A 10 33.49 -13.28 -23.21
CA ASP A 10 33.48 -14.66 -23.68
C ASP A 10 32.68 -15.56 -22.73
N LYS A 11 31.39 -15.24 -22.58
CA LYS A 11 30.46 -16.05 -21.81
C LYS A 11 29.13 -16.17 -22.57
N PRO A 12 28.49 -17.36 -22.51
CA PRO A 12 27.18 -17.48 -23.16
C PRO A 12 26.13 -16.57 -22.54
N ASN A 13 25.34 -15.92 -23.39
CA ASN A 13 24.26 -15.05 -22.93
C ASN A 13 23.01 -15.85 -22.61
N VAL A 14 22.71 -15.96 -21.31
CA VAL A 14 21.56 -16.69 -20.83
C VAL A 14 20.43 -15.70 -20.54
N LEU A 15 19.26 -15.97 -21.12
CA LEU A 15 18.09 -15.10 -20.98
C LEU A 15 16.96 -15.81 -20.26
N ILE A 16 16.50 -15.23 -19.16
CA ILE A 16 15.45 -15.80 -18.32
C ILE A 16 14.14 -15.06 -18.53
N LEU A 17 13.06 -15.81 -18.83
CA LEU A 17 11.73 -15.20 -18.91
C LEU A 17 10.94 -15.44 -17.62
N GLY A 18 10.57 -14.36 -16.96
CA GLY A 18 9.78 -14.42 -15.73
C GLY A 18 10.54 -13.96 -14.49
N SER A 19 9.80 -13.70 -13.42
CA SER A 19 10.38 -13.34 -12.13
C SER A 19 9.59 -13.98 -11.00
N GLY A 20 9.27 -15.26 -11.17
CA GLY A 20 8.51 -16.02 -10.18
C GLY A 20 9.35 -17.10 -9.55
N TRP A 21 8.74 -18.24 -9.26
CA TRP A 21 9.42 -19.35 -8.61
C TRP A 21 10.51 -19.94 -9.45
N GLY A 22 10.19 -20.33 -10.67
CA GLY A 22 11.19 -20.85 -11.61
C GLY A 22 12.32 -19.88 -11.86
N ALA A 23 12.02 -18.75 -12.49
CA ALA A 23 13.04 -17.76 -12.89
C ALA A 23 13.94 -17.31 -11.77
N ILE A 24 13.37 -17.01 -10.60
CA ILE A 24 14.17 -16.49 -9.48
C ILE A 24 14.96 -17.59 -8.78
N SER A 25 14.36 -18.77 -8.65
CA SER A 25 15.08 -19.93 -8.12
C SER A 25 16.26 -20.26 -9.01
N PHE A 26 16.06 -20.19 -10.32
CA PHE A 26 17.13 -20.40 -11.29
C PHE A 26 18.19 -19.30 -11.15
N LEU A 27 17.74 -18.07 -10.96
CA LEU A 27 18.65 -16.93 -10.83
C LEU A 27 19.52 -17.06 -9.60
N LYS A 28 18.97 -17.58 -8.51
CA LYS A 28 19.72 -17.70 -7.26
C LYS A 28 20.90 -18.66 -7.36
N HIS A 29 20.81 -19.64 -8.26
CA HIS A 29 21.81 -20.71 -8.36
C HIS A 29 22.69 -20.66 -9.59
N ILE A 30 22.27 -19.96 -10.64
CA ILE A 30 23.06 -19.88 -11.88
C ILE A 30 24.42 -19.21 -11.62
N ASP A 31 25.47 -19.75 -12.25
CA ASP A 31 26.84 -19.25 -12.04
C ASP A 31 27.10 -18.01 -12.92
N THR A 32 26.98 -16.84 -12.32
CA THR A 32 27.16 -15.56 -13.02
C THR A 32 28.61 -15.26 -13.43
N LYS A 33 29.57 -16.05 -12.95
CA LYS A 33 30.94 -15.98 -13.43
C LYS A 33 31.09 -16.71 -14.78
N LYS A 34 30.41 -17.84 -14.92
CA LYS A 34 30.43 -18.62 -16.15
C LYS A 34 29.43 -18.11 -17.20
N TYR A 35 28.46 -17.31 -16.77
CA TYR A 35 27.37 -16.87 -17.64
C TYR A 35 26.98 -15.41 -17.44
N ASN A 36 26.50 -14.78 -18.51
CA ASN A 36 25.86 -13.47 -18.44
C ASN A 36 24.35 -13.66 -18.46
N VAL A 37 23.68 -13.19 -17.39
CA VAL A 37 22.25 -13.42 -17.22
C VAL A 37 21.43 -12.15 -17.50
N SER A 38 20.37 -12.29 -18.28
CA SER A 38 19.38 -11.23 -18.47
C SER A 38 17.99 -11.76 -18.11
N ILE A 39 17.22 -10.96 -17.38
CA ILE A 39 15.84 -11.31 -17.05
C ILE A 39 14.87 -10.38 -17.80
N ILE A 40 13.79 -10.96 -18.31
CA ILE A 40 12.69 -10.18 -18.86
C ILE A 40 11.44 -10.55 -18.07
N SER A 41 10.87 -9.58 -17.39
CA SER A 41 9.58 -9.76 -16.73
C SER A 41 8.89 -8.42 -16.59
N PRO A 42 7.56 -8.38 -16.76
CA PRO A 42 6.81 -7.15 -16.51
C PRO A 42 6.62 -6.85 -15.03
N ARG A 43 6.96 -7.82 -14.19
CA ARG A 43 6.84 -7.68 -12.75
C ARG A 43 8.24 -7.57 -12.17
N SER A 44 8.53 -6.44 -11.53
CA SER A 44 9.88 -6.15 -11.05
C SER A 44 10.13 -6.71 -9.65
N TYR A 45 9.25 -7.60 -9.18
CA TYR A 45 9.41 -8.23 -7.88
C TYR A 45 9.04 -9.71 -7.94
N PHE A 46 9.65 -10.47 -7.04
CA PHE A 46 9.27 -11.85 -6.83
C PHE A 46 8.04 -11.87 -5.93
N LEU A 47 7.08 -12.73 -6.24
CA LEU A 47 5.89 -12.90 -5.41
C LEU A 47 5.93 -14.25 -4.68
N PHE A 48 5.83 -14.21 -3.36
CA PHE A 48 5.72 -15.43 -2.57
C PHE A 48 4.27 -15.88 -2.56
N THR A 49 3.89 -16.59 -3.62
CA THR A 49 2.49 -16.93 -3.90
C THR A 49 1.72 -17.66 -2.79
N PRO A 50 2.40 -18.48 -1.96
CA PRO A 50 1.60 -19.20 -0.96
C PRO A 50 0.92 -18.33 0.11
N LEU A 51 1.37 -17.09 0.29
CA LEU A 51 0.76 -16.17 1.25
C LEU A 51 -0.13 -15.12 0.60
N LEU A 52 -0.33 -15.23 -0.71
CA LEU A 52 -1.20 -14.28 -1.43
C LEU A 52 -2.64 -14.27 -0.90
N PRO A 53 -3.19 -15.45 -0.55
CA PRO A 53 -4.56 -15.45 0.00
C PRO A 53 -4.72 -14.73 1.36
N SER A 54 -3.60 -14.34 1.98
CA SER A 54 -3.61 -13.54 3.22
C SER A 54 -3.53 -12.03 2.96
N ALA A 55 -3.25 -11.64 1.73
CA ALA A 55 -3.08 -10.23 1.37
C ALA A 55 -4.39 -9.44 1.41
N PRO A 56 -5.43 -9.90 0.68
CA PRO A 56 -6.67 -9.12 0.54
C PRO A 56 -7.24 -8.64 1.87
N VAL A 57 -7.24 -9.54 2.85
CA VAL A 57 -7.87 -9.29 4.14
C VAL A 57 -6.90 -8.65 5.14
N GLY A 58 -5.61 -8.67 4.82
CA GLY A 58 -4.60 -7.96 5.61
C GLY A 58 -4.04 -8.72 6.80
N THR A 59 -4.03 -10.04 6.73
CA THR A 59 -3.30 -10.87 7.68
C THR A 59 -1.80 -10.62 7.46
N VAL A 60 -1.45 -10.42 6.20
CA VAL A 60 -0.12 -10.01 5.80
C VAL A 60 -0.29 -8.82 4.85
N ASP A 61 0.68 -7.91 4.82
CA ASP A 61 0.63 -6.81 3.87
C ASP A 61 1.16 -7.29 2.53
N GLU A 62 0.75 -6.63 1.45
CA GLU A 62 1.29 -6.92 0.11
C GLU A 62 2.81 -6.78 0.05
N LYS A 63 3.35 -5.71 0.61
CA LYS A 63 4.79 -5.48 0.57
C LYS A 63 5.59 -6.57 1.32
N SER A 64 4.96 -7.20 2.30
CA SER A 64 5.63 -8.24 3.10
C SER A 64 5.96 -9.49 2.29
N ILE A 65 5.15 -9.80 1.28
CA ILE A 65 5.29 -11.05 0.54
C ILE A 65 5.91 -10.87 -0.85
N ILE A 66 6.41 -9.68 -1.15
CA ILE A 66 7.12 -9.44 -2.41
C ILE A 66 8.55 -8.96 -2.17
N GLU A 67 9.44 -9.26 -3.11
CA GLU A 67 10.84 -8.88 -3.01
C GLU A 67 11.34 -8.42 -4.39
N PRO A 68 11.94 -7.21 -4.46
CA PRO A 68 12.40 -6.70 -5.75
C PRO A 68 13.44 -7.60 -6.40
N ILE A 69 13.37 -7.75 -7.73
CA ILE A 69 14.33 -8.58 -8.45
C ILE A 69 15.76 -8.14 -8.15
N VAL A 70 15.99 -6.83 -8.20
CA VAL A 70 17.34 -6.29 -8.09
C VAL A 70 18.07 -6.78 -6.85
N ASN A 71 17.33 -6.96 -5.74
CA ASN A 71 17.91 -7.48 -4.51
C ASN A 71 18.50 -8.88 -4.68
N PHE A 72 17.84 -9.71 -5.47
CA PHE A 72 18.37 -11.03 -5.82
C PHE A 72 19.61 -10.94 -6.71
N ALA A 73 19.52 -10.12 -7.77
CA ALA A 73 20.62 -9.93 -8.71
C ALA A 73 21.83 -9.25 -8.09
N LEU A 74 21.61 -8.52 -7.00
CA LEU A 74 22.69 -7.83 -6.30
C LEU A 74 23.58 -8.80 -5.52
N LYS A 75 22.99 -9.89 -5.02
CA LYS A 75 23.75 -10.94 -4.34
C LYS A 75 24.64 -11.73 -5.31
N LYS A 76 24.33 -11.66 -6.60
CA LYS A 76 25.16 -12.25 -7.65
C LYS A 76 26.21 -11.24 -8.08
N LYS A 77 27.48 -11.61 -8.02
CA LYS A 77 28.56 -10.66 -8.31
C LYS A 77 28.69 -10.33 -9.79
N GLY A 78 28.60 -11.35 -10.66
CA GLY A 78 28.68 -11.15 -12.10
C GLY A 78 27.57 -10.27 -12.69
N ASN A 79 27.64 -10.05 -14.00
CA ASN A 79 26.71 -9.16 -14.69
C ASN A 79 25.28 -9.70 -14.73
N VAL A 80 24.31 -8.85 -14.39
CA VAL A 80 22.89 -9.17 -14.51
C VAL A 80 22.15 -7.97 -15.08
N THR A 81 21.27 -8.21 -16.06
CA THR A 81 20.45 -7.16 -16.65
C THR A 81 18.97 -7.51 -16.52
N TYR A 82 18.15 -6.53 -16.15
CA TYR A 82 16.71 -6.75 -16.02
C TYR A 82 15.95 -5.78 -16.92
N TYR A 83 15.16 -6.34 -17.83
CA TYR A 83 14.28 -5.58 -18.70
C TYR A 83 12.87 -5.64 -18.14
N GLU A 84 12.38 -4.52 -17.63
CA GLU A 84 11.01 -4.45 -17.13
C GLU A 84 10.06 -4.35 -18.32
N ALA A 85 9.70 -5.52 -18.85
CA ALA A 85 8.85 -5.63 -20.03
C ALA A 85 8.32 -7.04 -20.10
N GLU A 86 7.42 -7.31 -21.03
CA GLU A 86 6.94 -8.67 -21.23
C GLU A 86 7.26 -9.18 -22.63
N ALA A 87 7.61 -10.45 -22.70
CA ALA A 87 7.91 -11.12 -23.96
C ALA A 87 6.62 -11.35 -24.72
N THR A 88 6.54 -10.85 -25.95
CA THR A 88 5.36 -11.05 -26.80
C THR A 88 5.58 -12.16 -27.84
N SER A 89 6.83 -12.45 -28.17
CA SER A 89 7.15 -13.53 -29.10
C SER A 89 8.52 -14.12 -28.79
N ILE A 90 8.62 -15.45 -28.91
CA ILE A 90 9.90 -16.15 -28.86
C ILE A 90 10.22 -16.56 -30.30
N ASN A 91 11.44 -16.27 -30.74
CA ASN A 91 11.88 -16.50 -32.12
C ASN A 91 13.03 -17.51 -32.16
N PRO A 92 12.72 -18.81 -32.33
CA PRO A 92 13.73 -19.88 -32.29
C PRO A 92 14.85 -19.73 -33.32
N ASP A 93 14.50 -19.45 -34.57
CA ASP A 93 15.49 -19.34 -35.65
C ASP A 93 16.43 -18.15 -35.48
N ARG A 94 15.89 -17.01 -35.04
CA ARG A 94 16.71 -15.82 -34.75
C ARG A 94 17.42 -15.92 -33.40
N ASN A 95 16.95 -16.82 -32.54
CA ASN A 95 17.39 -16.88 -31.14
C ASN A 95 17.23 -15.52 -30.46
N THR A 96 16.06 -14.91 -30.63
CA THR A 96 15.72 -13.65 -29.98
C THR A 96 14.31 -13.72 -29.40
N VAL A 97 14.04 -12.82 -28.46
CA VAL A 97 12.72 -12.68 -27.88
C VAL A 97 12.26 -11.23 -28.06
N THR A 98 11.12 -11.04 -28.72
CA THR A 98 10.53 -9.71 -28.87
C THR A 98 9.91 -9.30 -27.55
N ILE A 99 10.09 -8.04 -27.15
CA ILE A 99 9.48 -7.53 -25.92
C ILE A 99 8.50 -6.39 -26.22
N LYS A 100 7.70 -6.04 -25.21
CA LYS A 100 6.66 -5.02 -25.31
C LYS A 100 6.46 -4.35 -23.94
N SER A 101 6.02 -3.10 -23.95
CA SER A 101 5.74 -2.35 -22.72
C SER A 101 6.97 -2.22 -21.83
N LEU A 102 8.09 -1.83 -22.44
CA LEU A 102 9.33 -1.64 -21.70
C LEU A 102 9.21 -0.42 -20.80
N SER A 103 9.24 -0.66 -19.48
CA SER A 103 9.15 0.39 -18.48
C SER A 103 10.55 0.87 -18.08
N ALA A 104 11.50 -0.05 -17.95
CA ALA A 104 12.84 0.26 -17.47
C ALA A 104 13.86 -0.83 -17.79
N VAL A 105 15.13 -0.46 -17.80
CA VAL A 105 16.23 -1.41 -17.89
C VAL A 105 17.26 -1.09 -16.82
N SER A 106 17.56 -2.06 -15.96
CA SER A 106 18.60 -1.92 -14.94
C SER A 106 19.75 -2.87 -15.24
N GLN A 107 20.97 -2.33 -15.24
CA GLN A 107 22.18 -3.10 -15.51
C GLN A 107 23.06 -3.12 -14.27
N LEU A 108 22.93 -4.17 -13.45
CA LEU A 108 23.68 -4.26 -12.20
C LEU A 108 25.10 -4.75 -12.42
N TYR A 109 26.03 -4.23 -11.60
CA TYR A 109 27.46 -4.51 -11.74
C TYR A 109 27.91 -4.44 -13.20
N GLN A 110 27.51 -3.34 -13.85
CA GLN A 110 27.87 -3.07 -15.23
C GLN A 110 28.10 -1.58 -15.41
N PRO A 111 29.34 -1.11 -15.13
CA PRO A 111 29.68 0.28 -15.39
C PRO A 111 30.08 0.44 -16.87
N GLU A 112 29.12 0.26 -17.77
CA GLU A 112 29.42 0.19 -19.20
C GLU A 112 28.33 0.84 -20.09
N ASN A 113 27.72 0.06 -20.98
CA ASN A 113 27.07 0.61 -22.18
C ASN A 113 25.69 1.23 -21.96
N HIS A 114 25.24 1.94 -23.00
CA HIS A 114 23.89 2.50 -23.08
C HIS A 114 23.19 1.83 -24.23
N LEU A 115 22.06 1.18 -23.96
CA LEU A 115 21.38 0.35 -24.95
C LEU A 115 20.63 1.16 -26.03
N GLY A 116 20.25 2.39 -25.71
CA GLY A 116 19.56 3.26 -26.66
C GLY A 116 18.09 2.93 -26.83
N LEU A 117 17.43 2.58 -25.73
CA LEU A 117 16.01 2.19 -25.74
C LEU A 117 15.11 3.28 -25.15
N HIS A 118 13.86 3.30 -25.60
CA HIS A 118 12.85 4.22 -25.09
C HIS A 118 11.72 3.43 -24.50
N GLN A 119 10.95 4.07 -23.61
CA GLN A 119 9.81 3.40 -22.97
C GLN A 119 8.75 3.01 -24.00
N ALA A 120 8.27 1.77 -23.90
CA ALA A 120 7.27 1.22 -24.82
C ALA A 120 7.77 1.24 -26.28
N GLU A 121 9.05 0.93 -26.47
CA GLU A 121 9.63 0.75 -27.80
C GLU A 121 9.81 -0.75 -28.02
N PRO A 122 9.30 -1.28 -29.16
CA PRO A 122 9.50 -2.70 -29.42
C PRO A 122 10.97 -3.04 -29.64
N ALA A 123 11.40 -4.21 -29.16
CA ALA A 123 12.80 -4.61 -29.23
C ALA A 123 12.94 -6.13 -29.19
N GLU A 124 13.99 -6.63 -29.82
CA GLU A 124 14.34 -8.05 -29.74
C GLU A 124 15.59 -8.22 -28.91
N ILE A 125 15.53 -9.09 -27.90
CA ILE A 125 16.70 -9.41 -27.08
C ILE A 125 17.29 -10.74 -27.55
N LYS A 126 18.55 -10.71 -27.98
CA LYS A 126 19.26 -11.92 -28.43
C LYS A 126 19.66 -12.80 -27.27
N TYR A 127 19.70 -14.11 -27.49
CA TYR A 127 20.13 -15.07 -26.47
C TYR A 127 20.93 -16.22 -27.07
N ASP A 128 21.86 -16.77 -26.28
CA ASP A 128 22.53 -18.02 -26.62
C ASP A 128 21.73 -19.19 -26.04
N TYR A 129 21.27 -19.02 -24.80
CA TYR A 129 20.34 -19.97 -24.16
C TYR A 129 19.12 -19.22 -23.65
N LEU A 130 17.97 -19.89 -23.67
CA LEU A 130 16.72 -19.30 -23.17
C LEU A 130 16.09 -20.18 -22.10
N ILE A 131 15.70 -19.56 -20.98
CA ILE A 131 14.96 -20.25 -19.92
C ILE A 131 13.58 -19.63 -19.78
N SER A 132 12.55 -20.39 -20.14
CA SER A 132 11.18 -19.93 -20.10
C SER A 132 10.53 -20.32 -18.77
N ALA A 133 10.21 -19.31 -17.97
CA ALA A 133 9.51 -19.50 -16.69
C ALA A 133 8.43 -18.43 -16.52
N VAL A 134 7.62 -18.25 -17.57
CA VAL A 134 6.60 -17.20 -17.61
C VAL A 134 5.34 -17.57 -16.84
N GLY A 135 5.19 -18.84 -16.49
CA GLY A 135 4.06 -19.31 -15.70
C GLY A 135 2.86 -19.61 -16.55
N ALA A 136 1.71 -19.78 -15.88
CA ALA A 136 0.42 -19.99 -16.53
C ALA A 136 -0.49 -18.86 -16.11
N GLU A 137 -1.61 -18.69 -16.82
CA GLU A 137 -2.59 -17.68 -16.44
C GLU A 137 -3.88 -18.38 -16.05
N PRO A 138 -4.74 -17.69 -15.27
CA PRO A 138 -5.97 -18.31 -14.78
C PRO A 138 -6.91 -18.78 -15.89
N ASN A 139 -7.50 -19.95 -15.69
CA ASN A 139 -8.37 -20.57 -16.69
C ASN A 139 -9.84 -20.46 -16.28
N THR A 140 -10.63 -19.82 -17.13
CA THR A 140 -12.06 -19.64 -16.89
C THR A 140 -12.88 -20.76 -17.51
N PHE A 141 -12.24 -21.60 -18.33
CA PHE A 141 -12.91 -22.69 -19.06
C PHE A 141 -13.98 -22.16 -20.03
N GLY A 142 -13.82 -20.90 -20.45
CA GLY A 142 -14.79 -20.24 -21.32
C GLY A 142 -16.18 -20.10 -20.72
N ILE A 143 -16.26 -20.03 -19.39
CA ILE A 143 -17.55 -19.88 -18.71
C ILE A 143 -17.92 -18.41 -18.70
N PRO A 144 -19.02 -18.04 -19.39
CA PRO A 144 -19.35 -16.62 -19.59
C PRO A 144 -19.39 -15.82 -18.28
N GLY A 145 -18.83 -14.62 -18.31
CA GLY A 145 -18.97 -13.66 -17.21
C GLY A 145 -17.92 -13.73 -16.11
N VAL A 146 -17.04 -14.73 -16.17
CA VAL A 146 -16.01 -14.87 -15.14
C VAL A 146 -15.09 -13.64 -15.06
N THR A 147 -14.54 -13.21 -16.20
CA THR A 147 -13.63 -12.05 -16.23
C THR A 147 -14.37 -10.73 -16.05
N ASP A 148 -15.62 -10.66 -16.52
CA ASP A 148 -16.42 -9.44 -16.38
C ASP A 148 -16.71 -9.08 -14.93
N TYR A 149 -17.12 -10.06 -14.13
CA TYR A 149 -17.59 -9.82 -12.76
C TYR A 149 -16.72 -10.43 -11.66
N GLY A 150 -15.85 -11.38 -12.01
CA GLY A 150 -15.06 -12.11 -11.02
C GLY A 150 -13.63 -11.60 -10.89
N HIS A 151 -13.03 -11.89 -9.75
CA HIS A 151 -11.65 -11.51 -9.47
C HIS A 151 -10.83 -12.75 -9.33
N PHE A 152 -9.72 -12.81 -10.04
CA PHE A 152 -8.76 -13.90 -9.86
C PHE A 152 -7.99 -13.63 -8.57
N LEU A 153 -7.30 -14.65 -8.08
CA LEU A 153 -6.35 -14.48 -6.98
C LEU A 153 -4.99 -15.03 -7.46
N LYS A 154 -4.38 -14.28 -8.36
CA LYS A 154 -3.18 -14.70 -9.07
C LYS A 154 -1.98 -13.80 -8.80
N GLU A 155 -2.21 -12.49 -8.69
CA GLU A 155 -1.15 -11.48 -8.57
C GLU A 155 -1.49 -10.45 -7.49
N ILE A 156 -0.56 -9.54 -7.20
CA ILE A 156 -0.76 -8.55 -6.14
C ILE A 156 -1.92 -7.59 -6.42
N PRO A 157 -2.01 -7.03 -7.64
CA PRO A 157 -3.17 -6.18 -7.98
C PRO A 157 -4.52 -6.85 -7.73
N ASN A 158 -4.61 -8.16 -7.91
CA ASN A 158 -5.84 -8.89 -7.63
C ASN A 158 -6.21 -8.82 -6.15
N SER A 159 -5.22 -8.74 -5.28
CA SER A 159 -5.47 -8.60 -3.84
C SER A 159 -6.15 -7.28 -3.53
N LEU A 160 -5.69 -6.21 -4.15
CA LEU A 160 -6.31 -4.89 -3.97
C LEU A 160 -7.72 -4.84 -4.58
N GLU A 161 -7.91 -5.50 -5.73
CA GLU A 161 -9.22 -5.53 -6.40
C GLU A 161 -10.28 -6.10 -5.48
N ILE A 162 -9.93 -7.20 -4.82
CA ILE A 162 -10.85 -7.91 -3.93
C ILE A 162 -11.18 -7.08 -2.68
N ARG A 163 -10.16 -6.50 -2.07
CA ARG A 163 -10.37 -5.65 -0.89
C ARG A 163 -11.29 -4.44 -1.21
N ARG A 164 -11.03 -3.75 -2.32
CA ARG A 164 -11.87 -2.63 -2.76
C ARG A 164 -13.31 -3.06 -2.97
N THR A 165 -13.48 -4.22 -3.60
CA THR A 165 -14.81 -4.72 -3.96
C THR A 165 -15.63 -5.05 -2.71
N PHE A 166 -15.01 -5.81 -1.81
CA PHE A 166 -15.67 -6.24 -0.58
C PHE A 166 -15.88 -5.06 0.36
N ALA A 167 -14.90 -4.17 0.46
CA ALA A 167 -15.05 -2.95 1.24
C ALA A 167 -16.24 -2.11 0.76
N ALA A 168 -16.35 -1.91 -0.54
CA ALA A 168 -17.47 -1.18 -1.12
C ALA A 168 -18.79 -1.87 -0.79
N ASN A 169 -18.82 -3.20 -0.93
CA ASN A 169 -20.01 -3.97 -0.60
C ASN A 169 -20.44 -3.85 0.87
N LEU A 170 -19.49 -3.85 1.79
CA LEU A 170 -19.79 -3.72 3.22
C LEU A 170 -20.39 -2.35 3.52
N GLU A 171 -19.86 -1.32 2.88
CA GLU A 171 -20.39 0.03 3.04
C GLU A 171 -21.81 0.15 2.51
N LYS A 172 -22.03 -0.29 1.28
CA LYS A 172 -23.37 -0.29 0.66
C LYS A 172 -24.37 -1.08 1.52
N ALA A 173 -23.95 -2.28 1.94
CA ALA A 173 -24.79 -3.16 2.74
C ALA A 173 -25.26 -2.50 4.04
N ASN A 174 -24.34 -1.91 4.78
CA ASN A 174 -24.62 -1.37 6.10
C ASN A 174 -25.61 -0.20 6.10
N LEU A 175 -25.81 0.42 4.95
CA LEU A 175 -26.82 1.46 4.80
C LEU A 175 -28.24 0.93 4.53
N LEU A 176 -28.40 -0.39 4.42
CA LEU A 176 -29.71 -0.99 4.12
C LEU A 176 -30.36 -1.62 5.37
N PRO A 177 -31.69 -1.85 5.33
CA PRO A 177 -32.38 -2.54 6.44
C PRO A 177 -31.98 -4.01 6.53
N LYS A 178 -32.02 -4.58 7.74
CA LYS A 178 -31.53 -5.95 7.99
C LYS A 178 -32.24 -7.02 7.16
N GLY A 179 -33.55 -6.85 6.98
CA GLY A 179 -34.33 -7.79 6.15
C GLY A 179 -33.93 -7.79 4.68
N ASP A 180 -33.53 -6.64 4.16
CA ASP A 180 -33.34 -6.43 2.73
C ASP A 180 -32.50 -7.54 2.08
N PRO A 181 -33.03 -8.19 1.02
CA PRO A 181 -32.25 -9.22 0.34
C PRO A 181 -30.97 -8.70 -0.33
N GLU A 182 -30.97 -7.45 -0.78
CA GLU A 182 -29.77 -6.81 -1.32
C GLU A 182 -28.64 -6.75 -0.30
N ARG A 183 -28.99 -6.51 0.97
CA ARG A 183 -28.02 -6.52 2.04
C ARG A 183 -27.39 -7.91 2.19
N ARG A 184 -28.21 -8.94 2.15
CA ARG A 184 -27.72 -10.32 2.23
C ARG A 184 -26.83 -10.67 1.04
N ARG A 185 -27.20 -10.19 -0.14
CA ARG A 185 -26.42 -10.46 -1.37
C ARG A 185 -25.06 -9.76 -1.34
N LEU A 186 -25.06 -8.49 -0.96
CA LEU A 186 -23.81 -7.72 -0.93
C LEU A 186 -22.83 -8.26 0.12
N LEU A 187 -23.38 -8.86 1.17
CA LEU A 187 -22.57 -9.47 2.22
C LEU A 187 -22.16 -10.92 1.90
N SER A 188 -22.55 -11.41 0.73
CA SER A 188 -22.25 -12.80 0.33
C SER A 188 -21.01 -12.86 -0.53
N ILE A 189 -20.18 -13.88 -0.29
CA ILE A 189 -18.95 -14.10 -1.04
C ILE A 189 -18.92 -15.53 -1.57
N VAL A 190 -18.50 -15.70 -2.82
CA VAL A 190 -18.35 -17.03 -3.43
C VAL A 190 -16.94 -17.22 -3.96
N VAL A 191 -16.30 -18.30 -3.54
CA VAL A 191 -14.95 -18.66 -3.98
C VAL A 191 -15.04 -19.94 -4.79
N VAL A 192 -14.62 -19.89 -6.06
CA VAL A 192 -14.70 -21.06 -6.93
C VAL A 192 -13.36 -21.80 -6.94
N GLY A 193 -13.42 -23.10 -6.68
CA GLY A 193 -12.22 -23.93 -6.58
C GLY A 193 -11.97 -24.33 -5.14
N GLY A 194 -11.73 -25.62 -4.92
CA GLY A 194 -11.50 -26.16 -3.59
C GLY A 194 -10.09 -26.65 -3.37
N GLY A 195 -9.15 -26.05 -4.12
CA GLY A 195 -7.72 -26.30 -3.90
C GLY A 195 -7.22 -25.46 -2.73
N PRO A 196 -5.90 -25.47 -2.49
CA PRO A 196 -5.37 -24.66 -1.39
C PRO A 196 -5.69 -23.18 -1.51
N THR A 197 -5.63 -22.64 -2.73
CA THR A 197 -5.86 -21.20 -2.94
C THR A 197 -7.28 -20.80 -2.54
N GLY A 198 -8.26 -21.51 -3.08
CA GLY A 198 -9.65 -21.26 -2.78
C GLY A 198 -9.98 -21.43 -1.31
N VAL A 199 -9.56 -22.57 -0.74
CA VAL A 199 -9.83 -22.88 0.66
C VAL A 199 -9.20 -21.84 1.59
N GLU A 200 -7.99 -21.40 1.27
CA GLU A 200 -7.28 -20.43 2.08
C GLU A 200 -7.86 -19.02 1.92
N ALA A 201 -8.28 -18.68 0.71
CA ALA A 201 -9.01 -17.43 0.46
C ALA A 201 -10.25 -17.38 1.35
N ALA A 202 -11.06 -18.43 1.27
CA ALA A 202 -12.28 -18.53 2.07
C ALA A 202 -11.99 -18.45 3.57
N GLY A 203 -10.94 -19.14 4.01
CA GLY A 203 -10.57 -19.19 5.43
C GLY A 203 -10.06 -17.85 5.95
N GLU A 204 -9.23 -17.17 5.17
CA GLU A 204 -8.72 -15.86 5.54
C GLU A 204 -9.86 -14.84 5.57
N LEU A 205 -10.73 -14.89 4.55
CA LEU A 205 -11.90 -14.01 4.50
C LEU A 205 -12.85 -14.26 5.67
N GLN A 206 -12.97 -15.52 6.09
CA GLN A 206 -13.78 -15.85 7.26
C GLN A 206 -13.11 -15.39 8.55
N ASP A 207 -11.79 -15.49 8.62
CA ASP A 207 -11.03 -14.97 9.77
C ASP A 207 -11.28 -13.47 9.96
N TYR A 208 -11.37 -12.73 8.86
CA TYR A 208 -11.63 -11.29 8.95
C TYR A 208 -13.01 -10.99 9.51
N VAL A 209 -14.01 -11.67 8.97
CA VAL A 209 -15.41 -11.42 9.37
C VAL A 209 -15.62 -11.73 10.85
N HIS A 210 -15.13 -12.87 11.32
CA HIS A 210 -15.30 -13.26 12.72
C HIS A 210 -14.46 -12.46 13.67
N GLN A 211 -13.19 -12.23 13.32
CA GLN A 211 -12.23 -11.64 14.25
C GLN A 211 -12.19 -10.12 14.26
N ASP A 212 -12.50 -9.47 13.14
CA ASP A 212 -12.34 -8.01 13.02
C ASP A 212 -13.65 -7.26 12.79
N LEU A 213 -14.36 -7.62 11.73
CA LEU A 213 -15.60 -6.95 11.37
C LEU A 213 -16.65 -7.12 12.47
N ARG A 214 -16.61 -8.25 13.16
CA ARG A 214 -17.55 -8.54 14.25
C ARG A 214 -17.41 -7.56 15.41
N LYS A 215 -16.19 -7.07 15.64
CA LYS A 215 -15.91 -6.20 16.79
C LYS A 215 -16.65 -4.86 16.76
N PHE A 216 -16.78 -4.27 15.58
CA PHE A 216 -17.42 -2.95 15.45
C PHE A 216 -18.70 -2.91 14.61
N LEU A 217 -18.99 -3.98 13.86
CA LEU A 217 -20.24 -4.10 13.12
C LEU A 217 -20.75 -5.54 13.17
N PRO A 218 -21.25 -5.97 14.34
CA PRO A 218 -21.71 -7.34 14.51
C PRO A 218 -22.97 -7.68 13.70
N ALA A 219 -23.82 -6.67 13.48
CA ALA A 219 -25.02 -6.83 12.65
C ALA A 219 -24.65 -7.22 11.21
N LEU A 220 -23.60 -6.60 10.66
CA LEU A 220 -23.11 -6.96 9.34
C LEU A 220 -22.44 -8.33 9.35
N ALA A 221 -21.47 -8.49 10.25
CA ALA A 221 -20.66 -9.70 10.32
C ALA A 221 -21.52 -10.97 10.43
N GLU A 222 -22.63 -10.88 11.15
CA GLU A 222 -23.57 -11.99 11.29
C GLU A 222 -24.16 -12.40 9.94
N GLU A 223 -24.51 -11.42 9.11
CA GLU A 223 -25.17 -11.68 7.82
C GLU A 223 -24.22 -12.10 6.69
N VAL A 224 -22.92 -11.95 6.89
CA VAL A 224 -21.97 -12.35 5.86
C VAL A 224 -21.93 -13.88 5.74
N GLN A 225 -22.08 -14.37 4.51
CA GLN A 225 -22.01 -15.81 4.22
C GLN A 225 -21.00 -16.06 3.12
N ILE A 226 -19.99 -16.87 3.43
CA ILE A 226 -18.98 -17.27 2.45
C ILE A 226 -19.32 -18.65 1.87
N HIS A 227 -19.21 -18.77 0.55
CA HIS A 227 -19.46 -20.00 -0.16
C HIS A 227 -18.21 -20.48 -0.82
N LEU A 228 -17.99 -21.80 -0.83
CA LEU A 228 -16.87 -22.40 -1.53
C LEU A 228 -17.40 -23.47 -2.50
N VAL A 229 -17.13 -23.29 -3.79
CA VAL A 229 -17.68 -24.14 -4.85
C VAL A 229 -16.60 -25.00 -5.48
N GLU A 230 -16.81 -26.31 -5.52
CA GLU A 230 -15.82 -27.26 -6.05
C GLU A 230 -16.49 -28.27 -6.99
N ALA A 231 -15.85 -28.51 -8.14
CA ALA A 231 -16.40 -29.37 -9.18
C ALA A 231 -16.25 -30.87 -8.85
N LEU A 232 -15.18 -31.22 -8.14
CA LEU A 232 -14.93 -32.59 -7.69
C LEU A 232 -15.77 -32.90 -6.46
N PRO A 233 -15.79 -34.17 -6.01
CA PRO A 233 -16.54 -34.50 -4.79
C PRO A 233 -15.75 -34.34 -3.51
N ILE A 234 -14.54 -33.77 -3.59
CA ILE A 234 -13.67 -33.66 -2.44
C ILE A 234 -12.88 -32.36 -2.49
N VAL A 235 -12.66 -31.78 -1.32
CA VAL A 235 -11.83 -30.59 -1.18
C VAL A 235 -10.38 -31.04 -0.95
N LEU A 236 -9.43 -30.33 -1.57
CA LEU A 236 -8.00 -30.59 -1.36
C LEU A 236 -7.64 -32.05 -1.63
N ASN A 237 -7.79 -32.46 -2.88
CA ASN A 237 -7.62 -33.87 -3.29
C ASN A 237 -6.18 -34.40 -3.22
N MET A 238 -5.21 -33.49 -3.16
CA MET A 238 -3.80 -33.85 -3.03
C MET A 238 -3.47 -34.39 -1.64
N PHE A 239 -4.35 -34.14 -0.67
CA PHE A 239 -4.21 -34.71 0.67
C PHE A 239 -4.94 -36.05 0.79
N GLU A 240 -4.69 -36.75 1.88
CA GLU A 240 -5.41 -37.99 2.22
C GLU A 240 -6.88 -37.67 2.52
N LYS A 241 -7.75 -38.66 2.31
CA LYS A 241 -9.19 -38.50 2.57
C LYS A 241 -9.50 -38.02 3.98
N LYS A 242 -8.80 -38.59 4.97
CA LYS A 242 -8.96 -38.21 6.37
C LYS A 242 -8.73 -36.70 6.58
N LEU A 243 -7.71 -36.15 5.93
CA LEU A 243 -7.39 -34.73 6.04
C LEU A 243 -8.35 -33.83 5.26
N SER A 244 -8.78 -34.29 4.09
CA SER A 244 -9.82 -33.59 3.31
C SER A 244 -11.11 -33.46 4.13
N SER A 245 -11.53 -34.58 4.73
CA SER A 245 -12.75 -34.63 5.54
C SER A 245 -12.71 -33.66 6.72
N TYR A 246 -11.58 -33.67 7.43
CA TYR A 246 -11.34 -32.70 8.50
C TYR A 246 -11.31 -31.27 7.97
N ALA A 247 -10.71 -31.09 6.78
CA ALA A 247 -10.67 -29.77 6.15
C ALA A 247 -12.10 -29.28 5.85
N GLN A 248 -12.90 -30.16 5.28
CA GLN A 248 -14.29 -29.82 4.94
C GLN A 248 -15.11 -29.59 6.19
N SER A 249 -15.07 -30.55 7.11
CA SER A 249 -15.75 -30.43 8.40
C SER A 249 -15.44 -29.12 9.10
N HIS A 250 -14.16 -28.73 9.09
CA HIS A 250 -13.72 -27.52 9.79
C HIS A 250 -14.22 -26.26 9.14
N LEU A 251 -14.17 -26.21 7.81
CA LEU A 251 -14.70 -25.06 7.07
C LEU A 251 -16.19 -24.88 7.38
N GLU A 252 -16.93 -25.99 7.38
CA GLU A 252 -18.36 -25.98 7.74
C GLU A 252 -18.60 -25.48 9.17
N ASN A 253 -17.72 -25.85 10.10
CA ASN A 253 -17.82 -25.38 11.49
C ASN A 253 -17.72 -23.87 11.63
N THR A 254 -16.90 -23.25 10.78
CA THR A 254 -16.72 -21.79 10.78
C THR A 254 -17.78 -21.08 9.91
N SER A 255 -18.81 -21.81 9.50
CA SER A 255 -19.96 -21.29 8.76
C SER A 255 -19.69 -20.98 7.29
N ILE A 256 -18.73 -21.67 6.69
CA ILE A 256 -18.51 -21.61 5.25
C ILE A 256 -19.33 -22.72 4.57
N LYS A 257 -20.10 -22.34 3.55
CA LYS A 257 -21.02 -23.26 2.90
C LYS A 257 -20.29 -23.95 1.74
N VAL A 258 -20.02 -25.25 1.90
CA VAL A 258 -19.21 -26.00 0.94
C VAL A 258 -20.12 -26.73 -0.06
N HIS A 259 -20.10 -26.29 -1.31
CA HIS A 259 -20.84 -26.94 -2.39
C HIS A 259 -19.94 -27.85 -3.15
N LEU A 260 -19.97 -29.14 -2.81
CA LEU A 260 -19.17 -30.15 -3.49
C LEU A 260 -19.89 -30.67 -4.73
N ARG A 261 -19.12 -31.21 -5.68
CA ARG A 261 -19.66 -31.71 -6.94
C ARG A 261 -20.47 -30.66 -7.70
N THR A 262 -20.09 -29.39 -7.52
CA THR A 262 -20.84 -28.27 -8.09
C THR A 262 -19.98 -27.51 -9.08
N ALA A 263 -20.48 -27.38 -10.31
CA ALA A 263 -19.77 -26.68 -11.38
C ALA A 263 -20.55 -25.43 -11.80
N VAL A 264 -19.83 -24.33 -11.98
CA VAL A 264 -20.44 -23.09 -12.41
C VAL A 264 -20.63 -23.09 -13.92
N ALA A 265 -21.88 -22.99 -14.35
CA ALA A 265 -22.22 -22.95 -15.77
C ALA A 265 -22.07 -21.54 -16.34
N LYS A 266 -22.36 -20.52 -15.53
CA LYS A 266 -22.40 -19.14 -16.00
C LYS A 266 -22.36 -18.18 -14.81
N VAL A 267 -21.74 -17.03 -15.02
CA VAL A 267 -21.64 -15.99 -14.00
C VAL A 267 -22.35 -14.72 -14.50
N GLU A 268 -23.33 -14.26 -13.74
CA GLU A 268 -24.04 -13.02 -14.02
C GLU A 268 -23.58 -11.95 -13.04
N GLU A 269 -24.06 -10.72 -13.24
CA GLU A 269 -23.64 -9.57 -12.44
CA GLU A 269 -23.65 -9.57 -12.45
CA GLU A 269 -23.65 -9.56 -12.44
C GLU A 269 -23.89 -9.76 -10.95
N LYS A 270 -25.03 -10.36 -10.59
CA LYS A 270 -25.43 -10.48 -9.18
C LYS A 270 -25.60 -11.92 -8.68
N GLN A 271 -25.25 -12.90 -9.50
CA GLN A 271 -25.46 -14.30 -9.15
C GLN A 271 -24.74 -15.20 -10.13
N LEU A 272 -24.52 -16.46 -9.75
CA LEU A 272 -23.93 -17.44 -10.65
C LEU A 272 -24.80 -18.68 -10.74
N LEU A 273 -24.90 -19.23 -11.95
CA LEU A 273 -25.69 -20.43 -12.20
C LEU A 273 -24.79 -21.66 -12.03
N ALA A 274 -25.11 -22.49 -11.04
CA ALA A 274 -24.30 -23.67 -10.72
C ALA A 274 -25.09 -24.98 -10.90
N LYS A 275 -24.45 -25.98 -11.47
CA LYS A 275 -25.01 -27.34 -11.61
C LYS A 275 -24.36 -28.27 -10.58
N THR A 276 -25.17 -29.13 -9.96
CA THR A 276 -24.68 -30.06 -8.93
C THR A 276 -25.07 -31.51 -9.21
N LYS A 277 -24.08 -32.39 -9.35
CA LYS A 277 -24.32 -33.83 -9.49
C LYS A 277 -24.48 -34.44 -8.10
N HIS A 278 -25.54 -35.24 -7.92
CA HIS A 278 -25.83 -35.83 -6.63
C HIS A 278 -25.41 -37.28 -6.57
N GLU A 279 -25.47 -37.85 -5.36
CA GLU A 279 -25.04 -39.24 -5.11
C GLU A 279 -25.65 -40.21 -6.12
N ASP A 280 -26.97 -40.14 -6.28
CA ASP A 280 -27.70 -41.06 -7.17
C ASP A 280 -27.44 -40.84 -8.67
N GLY A 281 -26.91 -39.66 -9.03
CA GLY A 281 -26.56 -39.36 -10.43
C GLY A 281 -27.40 -38.26 -11.07
N LYS A 282 -28.32 -37.67 -10.30
CA LYS A 282 -29.20 -36.61 -10.82
C LYS A 282 -28.48 -35.27 -10.79
N ILE A 283 -28.85 -34.39 -11.72
CA ILE A 283 -28.30 -33.03 -11.78
C ILE A 283 -29.37 -32.02 -11.40
N THR A 284 -29.03 -31.10 -10.49
CA THR A 284 -29.92 -30.01 -10.12
C THR A 284 -29.23 -28.66 -10.35
N GLU A 285 -30.03 -27.64 -10.62
CA GLU A 285 -29.54 -26.29 -10.87
C GLU A 285 -29.74 -25.47 -9.60
N GLU A 286 -28.74 -24.69 -9.24
CA GLU A 286 -28.87 -23.71 -8.16
C GLU A 286 -28.65 -22.31 -8.70
N THR A 287 -28.97 -21.33 -7.88
CA THR A 287 -28.58 -19.95 -8.09
C THR A 287 -27.96 -19.49 -6.79
N ILE A 288 -26.72 -18.99 -6.86
CA ILE A 288 -26.03 -18.49 -5.69
C ILE A 288 -25.78 -17.00 -5.84
N PRO A 289 -26.57 -16.17 -5.13
CA PRO A 289 -26.28 -14.74 -5.12
C PRO A 289 -24.90 -14.46 -4.55
N TYR A 290 -24.24 -13.42 -5.07
CA TYR A 290 -22.94 -13.04 -4.57
C TYR A 290 -22.73 -11.54 -4.74
N GLY A 291 -21.89 -10.97 -3.87
CA GLY A 291 -21.41 -9.59 -4.01
C GLY A 291 -19.95 -9.56 -4.44
N THR A 292 -19.16 -10.51 -3.92
CA THR A 292 -17.76 -10.65 -4.30
C THR A 292 -17.52 -12.07 -4.80
N LEU A 293 -16.94 -12.20 -5.99
CA LEU A 293 -16.64 -13.51 -6.57
C LEU A 293 -15.14 -13.67 -6.76
N ILE A 294 -14.56 -14.68 -6.12
CA ILE A 294 -13.15 -14.99 -6.25
C ILE A 294 -12.98 -16.28 -7.04
N TRP A 295 -12.22 -16.23 -8.12
CA TRP A 295 -12.06 -17.37 -9.04
C TRP A 295 -10.68 -17.96 -8.95
N ALA A 296 -10.56 -19.08 -8.25
CA ALA A 296 -9.27 -19.72 -8.00
C ALA A 296 -9.29 -21.19 -8.43
N THR A 297 -9.24 -21.41 -9.75
CA THR A 297 -9.26 -22.78 -10.28
C THR A 297 -8.08 -23.03 -11.22
N GLY A 298 -8.36 -23.33 -12.48
CA GLY A 298 -7.36 -23.94 -13.36
C GLY A 298 -6.32 -23.00 -13.94
N ASN A 299 -5.33 -23.61 -14.58
CA ASN A 299 -4.27 -22.91 -15.27
C ASN A 299 -4.41 -23.08 -16.77
N LYS A 300 -3.99 -22.05 -17.51
CA LYS A 300 -3.97 -22.12 -18.97
C LYS A 300 -2.60 -21.62 -19.46
N ALA A 301 -2.18 -22.10 -20.63
CA ALA A 301 -0.94 -21.65 -21.24
C ALA A 301 -1.08 -20.20 -21.68
N ARG A 302 0.00 -19.43 -21.56
CA ARG A 302 -0.02 -18.04 -21.99
C ARG A 302 0.09 -17.95 -23.50
N PRO A 303 -0.43 -16.87 -24.11
CA PRO A 303 -0.31 -16.65 -25.56
C PRO A 303 1.11 -16.78 -26.10
N VAL A 304 2.08 -16.26 -25.34
CA VAL A 304 3.50 -16.31 -25.74
C VAL A 304 3.97 -17.75 -25.90
N ILE A 305 3.46 -18.63 -25.03
CA ILE A 305 3.81 -20.04 -25.06
C ILE A 305 2.97 -20.80 -26.10
N THR A 306 1.71 -20.38 -26.25
CA THR A 306 0.82 -20.92 -27.28
C THR A 306 1.36 -20.61 -28.68
N ASP A 307 1.76 -19.37 -28.90
CA ASP A 307 2.33 -18.95 -30.18
C ASP A 307 3.56 -19.78 -30.55
N LEU A 308 4.38 -20.09 -29.54
CA LEU A 308 5.60 -20.90 -29.74
C LEU A 308 5.33 -22.36 -30.13
N PHE A 309 4.15 -22.89 -29.76
CA PHE A 309 3.78 -24.26 -30.17
C PHE A 309 3.79 -24.41 -31.70
N LYS A 310 3.42 -23.35 -32.39
CA LYS A 310 3.29 -23.38 -33.84
C LYS A 310 4.65 -23.29 -34.55
N LYS A 311 5.62 -22.66 -33.90
CA LYS A 311 6.94 -22.42 -34.48
C LYS A 311 7.90 -23.60 -34.37
N ILE A 312 7.53 -24.61 -33.57
CA ILE A 312 8.35 -25.82 -33.43
C ILE A 312 7.49 -27.05 -33.76
N PRO A 313 7.88 -27.82 -34.80
CA PRO A 313 7.10 -28.98 -35.26
C PRO A 313 6.60 -29.91 -34.14
N GLU A 314 7.50 -30.32 -33.25
CA GLU A 314 7.16 -31.29 -32.20
C GLU A 314 6.36 -30.70 -31.04
N GLN A 315 6.20 -29.38 -31.04
CA GLN A 315 5.30 -28.71 -30.08
C GLN A 315 3.91 -28.45 -30.67
N ASN A 316 3.72 -28.73 -31.97
CA ASN A 316 2.46 -28.42 -32.67
C ASN A 316 1.20 -28.92 -31.96
N SER A 317 1.27 -30.09 -31.35
CA SER A 317 0.11 -30.69 -30.68
C SER A 317 0.13 -30.54 -29.15
N SER A 318 0.97 -29.64 -28.63
CA SER A 318 0.98 -29.33 -27.20
C SER A 318 -0.25 -28.50 -26.83
N LYS A 319 -0.61 -28.51 -25.55
CA LYS A 319 -1.80 -27.79 -25.07
C LYS A 319 -1.58 -27.12 -23.71
N ARG A 320 -1.30 -27.91 -22.69
CA ARG A 320 -1.14 -27.39 -21.33
C ARG A 320 0.19 -26.64 -21.10
N GLY A 321 1.20 -26.91 -21.93
CA GLY A 321 2.50 -26.26 -21.80
C GLY A 321 3.52 -26.82 -22.78
N LEU A 322 4.74 -26.31 -22.70
CA LEU A 322 5.82 -26.77 -23.60
C LEU A 322 6.25 -28.20 -23.24
N ALA A 323 6.15 -29.12 -24.19
CA ALA A 323 6.58 -30.50 -23.97
C ALA A 323 8.10 -30.54 -23.83
N VAL A 324 8.55 -31.01 -22.67
CA VAL A 324 9.96 -30.89 -22.27
C VAL A 324 10.64 -32.25 -22.10
N ASN A 325 11.97 -32.24 -22.03
CA ASN A 325 12.78 -33.46 -21.84
C ASN A 325 12.93 -33.85 -20.38
N ASP A 326 13.70 -34.92 -20.15
CA ASP A 326 14.19 -35.26 -18.82
C ASP A 326 15.30 -34.31 -18.37
N PHE A 327 15.88 -33.58 -19.33
CA PHE A 327 16.85 -32.51 -19.04
C PHE A 327 16.20 -31.12 -19.04
N LEU A 328 14.87 -31.10 -19.08
CA LEU A 328 14.09 -29.87 -19.09
C LEU A 328 14.36 -28.98 -20.31
N GLN A 329 14.86 -29.58 -21.38
CA GLN A 329 14.99 -28.92 -22.67
C GLN A 329 13.66 -29.05 -23.43
N VAL A 330 13.26 -27.98 -24.10
CA VAL A 330 12.05 -27.99 -24.91
C VAL A 330 12.28 -28.86 -26.13
N LYS A 331 11.43 -29.88 -26.30
CA LYS A 331 11.55 -30.81 -27.43
C LYS A 331 11.47 -30.05 -28.74
N GLY A 332 12.40 -30.35 -29.65
CA GLY A 332 12.48 -29.68 -30.94
C GLY A 332 13.43 -28.50 -30.99
N SER A 333 13.78 -27.94 -29.84
CA SER A 333 14.75 -26.86 -29.77
C SER A 333 16.09 -27.34 -29.24
N ASN A 334 17.14 -26.65 -29.63
CA ASN A 334 18.51 -26.99 -29.24
C ASN A 334 19.02 -26.17 -28.06
N ASN A 335 18.42 -25.02 -27.81
CA ASN A 335 18.91 -24.09 -26.78
C ASN A 335 17.83 -23.46 -25.87
N ILE A 336 16.59 -23.95 -25.98
CA ILE A 336 15.51 -23.45 -25.12
C ILE A 336 15.16 -24.50 -24.07
N PHE A 337 15.01 -24.03 -22.83
CA PHE A 337 14.60 -24.87 -21.71
C PHE A 337 13.34 -24.26 -21.11
N ALA A 338 12.54 -25.09 -20.44
CA ALA A 338 11.28 -24.65 -19.85
C ALA A 338 11.09 -25.24 -18.46
N ILE A 339 10.82 -24.38 -17.48
CA ILE A 339 10.58 -24.82 -16.11
C ILE A 339 9.30 -24.19 -15.55
N GLY A 340 8.73 -24.84 -14.54
CA GLY A 340 7.52 -24.35 -13.88
C GLY A 340 6.25 -24.60 -14.68
N ASP A 341 5.23 -23.80 -14.39
CA ASP A 341 3.89 -23.99 -14.97
C ASP A 341 3.80 -23.87 -16.49
N ASN A 342 4.76 -23.20 -17.13
CA ASN A 342 4.73 -23.03 -18.58
C ASN A 342 5.26 -24.24 -19.35
N ALA A 343 5.88 -25.17 -18.62
CA ALA A 343 6.40 -26.41 -19.20
C ALA A 343 5.58 -27.60 -18.72
N PHE A 344 5.32 -28.55 -19.62
CA PHE A 344 4.60 -29.77 -19.27
C PHE A 344 5.59 -30.93 -19.18
N ALA A 345 5.86 -31.37 -17.95
CA ALA A 345 6.76 -32.49 -17.71
C ALA A 345 6.02 -33.62 -17.01
N GLY A 346 4.69 -33.61 -17.09
CA GLY A 346 3.85 -34.59 -16.40
C GLY A 346 3.85 -34.44 -14.89
N LEU A 347 4.13 -33.24 -14.39
CA LEU A 347 4.21 -32.97 -12.96
C LEU A 347 3.17 -31.93 -12.56
N PRO A 348 2.85 -31.84 -11.26
CA PRO A 348 1.87 -30.83 -10.85
C PRO A 348 2.35 -29.40 -11.07
N PRO A 349 1.42 -28.47 -11.35
CA PRO A 349 1.79 -27.07 -11.49
C PRO A 349 1.92 -26.43 -10.10
N THR A 350 3.07 -26.64 -9.48
CA THR A 350 3.32 -26.12 -8.13
C THR A 350 4.64 -25.38 -8.05
N ALA A 351 4.75 -24.52 -7.03
CA ALA A 351 6.00 -23.82 -6.74
C ALA A 351 7.09 -24.82 -6.36
N GLN A 352 6.69 -25.85 -5.64
CA GLN A 352 7.60 -26.91 -5.22
C GLN A 352 8.32 -27.53 -6.43
N VAL A 353 7.56 -27.81 -7.49
CA VAL A 353 8.14 -28.35 -8.72
C VAL A 353 9.01 -27.31 -9.44
N ALA A 354 8.52 -26.08 -9.52
CA ALA A 354 9.28 -25.00 -10.18
C ALA A 354 10.63 -24.79 -9.50
N HIS A 355 10.63 -24.83 -8.18
CA HIS A 355 11.84 -24.68 -7.37
C HIS A 355 12.85 -25.76 -7.68
N GLN A 356 12.44 -27.02 -7.58
CA GLN A 356 13.35 -28.15 -7.84
C GLN A 356 13.88 -28.12 -9.27
N GLU A 357 12.99 -27.97 -10.24
CA GLU A 357 13.37 -27.86 -11.65
C GLU A 357 14.41 -26.77 -11.91
N ALA A 358 14.27 -25.64 -11.22
CA ALA A 358 15.23 -24.54 -11.34
C ALA A 358 16.61 -24.92 -10.81
N GLU A 359 16.65 -25.47 -9.59
CA GLU A 359 17.90 -25.93 -8.99
C GLU A 359 18.57 -26.98 -9.87
N TYR A 360 17.77 -27.94 -10.36
CA TYR A 360 18.29 -28.97 -11.25
C TYR A 360 18.95 -28.36 -12.50
N LEU A 361 18.26 -27.42 -13.12
CA LEU A 361 18.74 -26.81 -14.35
C LEU A 361 19.99 -25.96 -14.13
N ALA A 362 19.99 -25.19 -13.05
CA ALA A 362 21.13 -24.35 -12.70
C ALA A 362 22.39 -25.17 -12.48
N LYS A 363 22.25 -26.31 -11.81
CA LYS A 363 23.37 -27.22 -11.58
C LYS A 363 23.85 -27.87 -12.88
N ASN A 364 22.94 -28.13 -13.80
CA ASN A 364 23.32 -28.58 -15.15
C ASN A 364 24.15 -27.54 -15.91
N PHE A 365 23.88 -26.27 -15.66
CA PHE A 365 24.49 -25.19 -16.44
C PHE A 365 25.97 -24.96 -16.14
N ASP A 366 26.35 -25.01 -14.87
CA ASP A 366 27.77 -24.90 -14.52
C ASP A 366 28.54 -26.18 -14.88
N LYS A 367 27.80 -27.28 -15.04
CA LYS A 367 28.36 -28.53 -15.54
C LYS A 367 28.64 -28.41 -17.04
N MET A 368 27.73 -27.77 -17.77
CA MET A 368 27.93 -27.45 -19.20
C MET A 368 29.15 -26.55 -19.39
N ALA A 369 29.31 -25.57 -18.50
CA ALA A 369 30.37 -24.57 -18.61
C ALA A 369 31.78 -25.16 -18.57
N GLN A 370 31.94 -26.31 -17.91
CA GLN A 370 33.23 -27.00 -17.82
C GLN A 370 33.55 -27.88 -19.03
N ILE A 371 32.53 -28.28 -19.78
CA ILE A 371 32.70 -29.14 -20.95
C ILE A 371 32.93 -28.29 -22.21
N PRO A 372 34.08 -28.48 -22.90
CA PRO A 372 34.47 -27.70 -24.08
C PRO A 372 33.41 -27.53 -25.17
N ASN A 373 32.64 -28.59 -25.43
CA ASN A 373 31.68 -28.60 -26.55
C ASN A 373 30.60 -27.51 -26.47
N PHE A 374 30.24 -27.10 -25.25
CA PHE A 374 29.21 -26.07 -25.05
C PHE A 374 29.75 -24.65 -25.16
N GLN A 375 31.04 -24.50 -25.49
CA GLN A 375 31.65 -23.19 -25.71
C GLN A 375 31.09 -22.56 -26.98
N LYS A 384 21.57 -32.16 -31.21
CA LYS A 384 22.93 -31.64 -31.15
C LYS A 384 23.35 -31.34 -29.71
N ILE A 385 22.45 -30.74 -28.93
CA ILE A 385 22.65 -30.56 -27.49
C ILE A 385 21.94 -31.65 -26.69
N ASP A 386 20.79 -32.10 -27.19
CA ASP A 386 20.11 -33.29 -26.68
C ASP A 386 21.08 -34.47 -26.48
N LEU A 387 21.90 -34.74 -27.48
CA LEU A 387 22.81 -35.89 -27.47
C LEU A 387 24.00 -35.69 -26.52
N LEU A 388 24.46 -34.45 -26.38
CA LEU A 388 25.54 -34.12 -25.46
C LEU A 388 25.19 -34.43 -24.00
N PHE A 389 23.92 -34.24 -23.64
CA PHE A 389 23.45 -34.53 -22.29
C PHE A 389 23.64 -36.01 -21.93
N GLU A 390 23.09 -36.90 -22.74
CA GLU A 390 23.18 -38.34 -22.49
C GLU A 390 24.57 -38.89 -22.72
N GLU A 391 25.36 -38.23 -23.58
CA GLU A 391 26.72 -38.65 -23.87
C GLU A 391 27.69 -38.32 -22.73
N ASN A 392 27.53 -37.14 -22.13
CA ASN A 392 28.42 -36.68 -21.07
C ASN A 392 27.99 -37.13 -19.66
N ASN A 393 27.04 -38.05 -19.59
CA ASN A 393 26.68 -38.72 -18.33
C ASN A 393 26.28 -37.77 -17.20
N PHE A 394 25.09 -37.19 -17.30
CA PHE A 394 24.47 -36.59 -16.13
C PHE A 394 22.95 -36.74 -16.12
N LYS A 395 22.40 -36.67 -14.91
CA LYS A 395 21.13 -37.32 -14.59
C LYS A 395 19.91 -36.62 -15.16
N PRO A 396 18.86 -37.39 -15.49
CA PRO A 396 17.56 -36.80 -15.80
C PRO A 396 16.95 -36.17 -14.56
N PHE A 397 16.12 -35.15 -14.74
CA PHE A 397 15.43 -34.52 -13.60
C PHE A 397 14.46 -35.51 -12.96
N LYS A 398 14.56 -35.66 -11.65
CA LYS A 398 13.68 -36.52 -10.87
C LYS A 398 13.02 -35.70 -9.78
N TYR A 399 11.70 -35.51 -9.88
CA TYR A 399 10.95 -34.74 -8.89
C TYR A 399 10.77 -35.51 -7.58
N ASN A 400 11.20 -34.90 -6.47
CA ASN A 400 10.95 -35.43 -5.14
C ASN A 400 9.79 -34.67 -4.49
N ASP A 401 8.70 -35.38 -4.22
CA ASP A 401 7.48 -34.75 -3.70
C ASP A 401 7.57 -34.58 -2.18
N LEU A 402 7.79 -33.35 -1.72
CA LEU A 402 7.94 -33.07 -0.30
C LEU A 402 6.60 -33.00 0.44
N GLY A 403 5.49 -33.07 -0.31
CA GLY A 403 4.16 -33.14 0.27
C GLY A 403 3.33 -31.89 0.07
N ALA A 404 2.44 -31.59 1.01
CA ALA A 404 1.49 -30.48 0.86
C ALA A 404 1.03 -29.88 2.18
N LEU A 405 0.85 -28.56 2.19
CA LEU A 405 0.40 -27.81 3.36
C LEU A 405 -0.85 -27.01 2.97
N ALA A 406 -1.67 -26.67 3.97
CA ALA A 406 -2.88 -25.87 3.71
C ALA A 406 -3.46 -25.28 5.00
N TYR A 407 -3.77 -23.98 4.96
CA TYR A 407 -4.44 -23.29 6.07
C TYR A 407 -5.96 -23.30 5.87
N LEU A 408 -6.70 -23.55 6.94
CA LEU A 408 -8.16 -23.72 6.87
C LEU A 408 -8.94 -22.63 7.59
N GLY A 409 -8.25 -21.60 8.08
CA GLY A 409 -8.88 -20.54 8.85
C GLY A 409 -8.93 -20.88 10.32
N SER A 410 -9.31 -19.89 11.14
CA SER A 410 -9.49 -20.07 12.58
C SER A 410 -8.35 -20.83 13.26
N GLU A 411 -7.12 -20.52 12.88
CA GLU A 411 -5.92 -21.09 13.51
C GLU A 411 -5.89 -22.64 13.45
N ARG A 412 -6.28 -23.19 12.31
CA ARG A 412 -6.13 -24.63 12.05
C ARG A 412 -5.55 -24.82 10.65
N ALA A 413 -4.69 -25.82 10.50
CA ALA A 413 -4.11 -26.16 9.20
C ALA A 413 -3.97 -27.68 9.05
N ILE A 414 -3.74 -28.13 7.81
CA ILE A 414 -3.42 -29.53 7.56
C ILE A 414 -2.10 -29.62 6.79
N ALA A 415 -1.31 -30.64 7.11
CA ALA A 415 0.02 -30.78 6.51
C ALA A 415 0.37 -32.24 6.27
N THR A 416 1.20 -32.47 5.25
CA THR A 416 1.80 -33.78 5.02
C THR A 416 3.22 -33.59 4.48
N ILE A 417 4.20 -33.74 5.36
CA ILE A 417 5.62 -33.64 4.99
C ILE A 417 6.17 -35.03 4.75
N ARG A 418 6.69 -35.28 3.55
CA ARG A 418 7.28 -36.58 3.19
C ARG A 418 8.52 -36.39 2.31
N SER A 419 9.19 -37.48 2.01
CA SER A 419 10.35 -37.47 1.12
C SER A 419 10.61 -38.86 0.54
N GLY A 420 10.26 -39.02 -0.74
CA GLY A 420 10.35 -40.32 -1.40
C GLY A 420 9.16 -41.17 -0.99
N LYS A 421 9.43 -42.29 -0.34
CA LYS A 421 8.37 -43.16 0.17
C LYS A 421 7.96 -42.76 1.59
N ARG A 422 8.94 -42.36 2.39
CA ARG A 422 8.74 -42.10 3.82
C ARG A 422 7.87 -40.87 4.09
N THR A 423 6.75 -41.09 4.77
CA THR A 423 5.89 -40.02 5.27
C THR A 423 6.13 -39.84 6.76
N PHE A 424 6.25 -38.59 7.21
CA PHE A 424 6.52 -38.29 8.62
C PHE A 424 6.02 -36.91 9.00
N TYR A 425 4.70 -36.77 9.10
CA TYR A 425 4.04 -35.47 9.25
C TYR A 425 3.30 -35.31 10.58
N THR A 426 2.83 -34.09 10.84
CA THR A 426 1.95 -33.80 11.97
C THR A 426 0.82 -32.90 11.47
N GLY A 427 -0.31 -33.51 11.08
CA GLY A 427 -1.33 -32.83 10.27
C GLY A 427 -2.70 -32.72 10.91
N GLY A 428 -2.73 -32.43 12.20
CA GLY A 428 -3.98 -32.28 12.95
C GLY A 428 -4.62 -30.93 12.68
N GLY A 429 -4.56 -30.04 13.66
CA GLY A 429 -5.22 -28.72 13.57
C GLY A 429 -4.36 -27.58 14.08
N LEU A 430 -4.46 -27.29 15.38
CA LEU A 430 -3.78 -26.12 15.98
C LEU A 430 -2.26 -26.28 15.99
N MET A 431 -1.77 -27.49 16.22
CA MET A 431 -0.33 -27.75 16.18
C MET A 431 0.18 -27.58 14.77
N THR A 432 -0.56 -28.13 13.80
CA THR A 432 -0.21 -28.03 12.38
C THR A 432 -0.19 -26.57 11.90
N PHE A 433 -0.99 -25.72 12.52
CA PHE A 433 -1.01 -24.29 12.21
C PHE A 433 0.33 -23.64 12.56
N TYR A 434 0.85 -23.95 13.75
CA TYR A 434 2.17 -23.45 14.16
C TYR A 434 3.28 -23.98 13.26
N LEU A 435 3.18 -25.25 12.89
CA LEU A 435 4.10 -25.84 11.92
C LEU A 435 3.96 -25.14 10.56
N TRP A 436 2.71 -24.98 10.11
CA TRP A 436 2.40 -24.31 8.84
C TRP A 436 3.02 -22.95 8.76
N ARG A 437 3.02 -22.22 9.88
CA ARG A 437 3.66 -20.89 9.93
C ARG A 437 5.17 -21.00 9.80
N ILE A 438 5.79 -21.77 10.69
CA ILE A 438 7.26 -21.89 10.73
C ILE A 438 7.80 -22.36 9.39
N LEU A 439 7.09 -23.29 8.75
CA LEU A 439 7.53 -23.88 7.49
C LEU A 439 7.44 -22.86 6.37
N TYR A 440 6.33 -22.12 6.31
CA TYR A 440 6.16 -21.05 5.32
C TYR A 440 7.21 -19.94 5.50
N LEU A 441 7.54 -19.59 6.74
CA LEU A 441 8.61 -18.64 7.03
C LEU A 441 9.95 -19.11 6.50
N SER A 442 10.23 -20.41 6.64
CA SER A 442 11.53 -20.96 6.26
C SER A 442 11.76 -21.08 4.75
N MET A 443 10.68 -21.14 3.97
CA MET A 443 10.82 -21.26 2.52
C MET A 443 10.53 -19.94 1.77
N ILE A 444 10.49 -18.84 2.51
CA ILE A 444 10.52 -17.51 1.91
C ILE A 444 11.94 -17.23 1.41
N LEU A 445 12.04 -16.66 0.22
CA LEU A 445 13.33 -16.53 -0.49
C LEU A 445 14.26 -15.41 -0.02
N SER A 446 13.77 -14.52 0.85
CA SER A 446 14.59 -13.40 1.32
C SER A 446 14.39 -13.11 2.80
N ALA A 447 15.42 -12.57 3.44
CA ALA A 447 15.36 -12.22 4.85
C ALA A 447 14.34 -11.11 5.14
N ARG A 448 14.27 -10.13 4.24
CA ARG A 448 13.37 -8.99 4.41
C ARG A 448 11.92 -9.44 4.47
N SER A 449 11.50 -10.17 3.43
CA SER A 449 10.15 -10.71 3.37
C SER A 449 9.85 -11.58 4.59
N ARG A 450 10.85 -12.32 5.05
CA ARG A 450 10.72 -13.18 6.21
C ARG A 450 10.45 -12.39 7.49
N LEU A 451 11.22 -11.32 7.70
CA LEU A 451 11.03 -10.43 8.86
C LEU A 451 9.71 -9.66 8.80
N LYS A 452 9.31 -9.28 7.58
CA LYS A 452 8.08 -8.52 7.38
C LYS A 452 6.85 -9.33 7.75
N VAL A 453 6.76 -10.55 7.21
CA VAL A 453 5.65 -11.43 7.55
C VAL A 453 5.67 -11.78 9.04
N PHE A 454 6.87 -12.01 9.58
CA PHE A 454 7.02 -12.28 11.01
C PHE A 454 6.43 -11.14 11.82
N PHE A 455 6.77 -9.90 11.48
CA PHE A 455 6.21 -8.74 12.18
C PHE A 455 4.70 -8.59 11.95
N ASP A 456 4.24 -8.92 10.75
CA ASP A 456 2.80 -8.93 10.46
C ASP A 456 2.04 -9.84 11.42
N TRP A 457 2.57 -11.05 11.65
CA TRP A 457 1.90 -12.02 12.53
C TRP A 457 1.91 -11.62 13.97
N ILE A 458 2.99 -10.96 14.42
CA ILE A 458 3.06 -10.47 15.80
C ILE A 458 2.05 -9.35 16.01
N LYS A 459 2.00 -8.40 15.07
CA LYS A 459 1.01 -7.34 15.10
C LYS A 459 -0.41 -7.89 15.08
N LEU A 460 -0.64 -8.95 14.32
CA LEU A 460 -1.96 -9.57 14.22
C LEU A 460 -2.44 -10.07 15.58
N ALA A 461 -1.53 -10.71 16.32
CA ALA A 461 -1.81 -11.18 17.68
C ALA A 461 -2.41 -10.10 18.59
N PHE A 462 -1.92 -8.87 18.46
CA PHE A 462 -2.35 -7.75 19.32
C PHE A 462 -3.44 -6.85 18.73
N PHE A 463 -3.37 -6.55 17.43
CA PHE A 463 -4.21 -5.52 16.81
C PHE A 463 -5.09 -5.94 15.62
N LYS A 464 -4.93 -7.18 15.17
CA LYS A 464 -5.86 -7.81 14.20
C LYS A 464 -6.26 -7.04 12.92
N ARG A 465 -5.32 -6.94 11.99
CA ARG A 465 -5.59 -6.61 10.56
C ARG A 465 -5.99 -5.19 10.16
N ASP A 466 -5.33 -4.69 9.12
CA ASP A 466 -5.65 -3.44 8.45
C ASP A 466 -6.46 -3.73 7.19
N PHE A 467 -7.59 -3.05 7.03
CA PHE A 467 -8.49 -3.28 5.89
C PHE A 467 -8.83 -1.97 5.18
N PHE A 468 -7.80 -1.23 4.78
CA PHE A 468 -7.96 0.09 4.15
C PHE A 468 -8.28 -0.08 2.67
N LYS A 469 -9.40 0.49 2.22
CA LYS A 469 -9.86 0.27 0.84
C LYS A 469 -9.04 1.02 -0.22
N GLY A 470 -8.36 2.08 0.19
CA GLY A 470 -7.58 2.90 -0.75
C GLY A 470 -6.10 2.73 -0.58
N LEU A 471 -5.68 1.65 0.06
CA LEU A 471 -4.27 1.42 0.38
C LEU A 471 -3.96 -0.08 0.41
N MET B 1 -33.30 19.14 1.45
CA MET B 1 -34.10 18.04 2.06
C MET B 1 -33.22 17.21 2.99
N LYS B 2 -33.84 16.27 3.69
CA LYS B 2 -33.16 15.30 4.59
C LYS B 2 -32.45 15.95 5.78
N VAL B 3 -33.04 15.80 6.96
CA VAL B 3 -32.49 16.35 8.20
C VAL B 3 -32.35 15.25 9.25
N ILE B 4 -31.11 14.84 9.53
CA ILE B 4 -30.84 13.84 10.56
C ILE B 4 -30.77 14.54 11.93
N ASP B 5 -31.66 14.13 12.84
CA ASP B 5 -31.83 14.82 14.12
C ASP B 5 -32.32 13.85 15.21
N PRO B 6 -31.37 13.31 16.02
CA PRO B 6 -31.75 12.46 17.14
C PRO B 6 -32.07 13.29 18.39
N GLN B 7 -33.30 13.16 18.89
CA GLN B 7 -33.74 13.96 20.04
C GLN B 7 -34.72 13.20 20.96
N HIS B 8 -34.24 12.10 21.54
CA HIS B 8 -34.95 11.41 22.62
C HIS B 8 -34.09 11.35 23.85
N SER B 9 -32.86 10.88 23.69
CA SER B 9 -31.89 10.84 24.78
C SER B 9 -31.60 12.25 25.29
N ASP B 10 -31.57 12.42 26.61
CA ASP B 10 -31.44 13.74 27.23
C ASP B 10 -29.97 14.16 27.37
N LYS B 11 -29.27 14.24 26.25
CA LYS B 11 -27.89 14.73 26.19
C LYS B 11 -27.74 15.67 25.00
N PRO B 12 -26.94 16.74 25.15
CA PRO B 12 -26.69 17.62 24.00
C PRO B 12 -25.95 16.90 22.86
N ASN B 13 -26.42 17.13 21.62
CA ASN B 13 -25.78 16.54 20.44
C ASN B 13 -24.59 17.38 20.00
N VAL B 14 -23.39 16.83 20.20
CA VAL B 14 -22.15 17.50 19.85
C VAL B 14 -21.65 16.95 18.52
N LEU B 15 -21.38 17.84 17.58
CA LEU B 15 -20.97 17.48 16.23
C LEU B 15 -19.56 17.98 15.98
N ILE B 16 -18.66 17.06 15.61
CA ILE B 16 -17.25 17.37 15.35
C ILE B 16 -16.98 17.33 13.85
N LEU B 17 -16.38 18.41 13.32
CA LEU B 17 -15.94 18.43 11.93
C LEU B 17 -14.45 18.13 11.85
N GLY B 18 -14.09 17.06 11.15
CA GLY B 18 -12.70 16.67 10.95
C GLY B 18 -12.33 15.36 11.63
N SER B 19 -11.19 14.81 11.25
CA SER B 19 -10.63 13.63 11.89
C SER B 19 -9.11 13.73 11.94
N GLY B 20 -8.62 14.91 12.34
CA GLY B 20 -7.20 15.18 12.45
C GLY B 20 -6.80 15.38 13.90
N TRP B 21 -5.85 16.29 14.14
CA TRP B 21 -5.34 16.52 15.48
C TRP B 21 -6.36 17.09 16.41
N GLY B 22 -6.99 18.19 16.01
CA GLY B 22 -8.07 18.80 16.79
C GLY B 22 -9.20 17.82 17.08
N ALA B 23 -9.92 17.42 16.03
CA ALA B 23 -11.11 16.59 16.17
C ALA B 23 -10.89 15.29 16.95
N ILE B 24 -9.78 14.60 16.69
CA ILE B 24 -9.53 13.32 17.36
C ILE B 24 -9.02 13.52 18.79
N SER B 25 -8.21 14.55 19.00
CA SER B 25 -7.78 14.90 20.36
C SER B 25 -8.96 15.31 21.21
N PHE B 26 -9.90 16.06 20.61
CA PHE B 26 -11.15 16.40 21.29
C PHE B 26 -11.98 15.15 21.55
N LEU B 27 -12.03 14.25 20.58
CA LEU B 27 -12.81 13.01 20.69
C LEU B 27 -12.29 12.13 21.82
N LYS B 28 -10.97 12.08 21.99
CA LYS B 28 -10.36 11.24 23.02
C LYS B 28 -10.73 11.66 24.44
N HIS B 29 -11.03 12.95 24.64
CA HIS B 29 -11.28 13.50 25.98
C HIS B 29 -12.72 13.86 26.27
N ILE B 30 -13.55 14.03 25.25
CA ILE B 30 -14.96 14.41 25.44
C ILE B 30 -15.73 13.33 26.23
N ASP B 31 -16.57 13.76 27.16
CA ASP B 31 -17.32 12.83 28.01
C ASP B 31 -18.56 12.29 27.29
N THR B 32 -18.44 11.08 26.74
CA THR B 32 -19.52 10.46 25.96
C THR B 32 -20.72 10.00 26.81
N LYS B 33 -20.58 10.02 28.14
CA LYS B 33 -21.71 9.81 29.03
C LYS B 33 -22.58 11.06 29.13
N LYS B 34 -21.92 12.23 29.17
CA LYS B 34 -22.63 13.51 29.24
C LYS B 34 -23.07 14.03 27.87
N TYR B 35 -22.51 13.49 26.79
CA TYR B 35 -22.76 14.00 25.45
C TYR B 35 -22.89 12.89 24.40
N ASN B 36 -23.68 13.17 23.37
CA ASN B 36 -23.72 12.33 22.17
C ASN B 36 -22.86 12.96 21.08
N VAL B 37 -21.84 12.23 20.63
CA VAL B 37 -20.87 12.75 19.67
C VAL B 37 -21.07 12.20 18.26
N SER B 38 -21.06 13.10 17.28
CA SER B 38 -21.05 12.71 15.87
C SER B 38 -19.86 13.35 15.17
N ILE B 39 -19.14 12.57 14.36
CA ILE B 39 -18.03 13.10 13.58
C ILE B 39 -18.41 13.12 12.10
N ILE B 40 -18.03 14.18 11.41
CA ILE B 40 -18.12 14.26 9.95
C ILE B 40 -16.74 14.52 9.41
N SER B 41 -16.23 13.57 8.62
CA SER B 41 -14.97 13.74 7.92
C SER B 41 -14.96 12.86 6.69
N PRO B 42 -14.41 13.35 5.58
CA PRO B 42 -14.24 12.51 4.39
C PRO B 42 -13.09 11.51 4.55
N ARG B 43 -12.28 11.67 5.58
CA ARG B 43 -11.17 10.78 5.85
C ARG B 43 -11.53 9.93 7.05
N SER B 44 -11.54 8.61 6.86
CA SER B 44 -11.98 7.68 7.90
C SER B 44 -10.86 7.25 8.82
N TYR B 45 -9.72 7.94 8.74
CA TYR B 45 -8.58 7.64 9.60
C TYR B 45 -7.94 8.92 10.09
N PHE B 46 -7.29 8.82 11.24
CA PHE B 46 -6.45 9.88 11.77
C PHE B 46 -5.11 9.77 11.09
N LEU B 47 -4.52 10.91 10.73
CA LEU B 47 -3.19 10.93 10.12
C LEU B 47 -2.21 11.55 11.11
N PHE B 48 -1.13 10.81 11.41
CA PHE B 48 -0.03 11.33 12.23
C PHE B 48 0.89 12.14 11.34
N THR B 49 0.52 13.40 11.12
CA THR B 49 1.17 14.27 10.14
C THR B 49 2.69 14.43 10.26
N PRO B 50 3.26 14.40 11.48
CA PRO B 50 4.71 14.64 11.54
C PRO B 50 5.60 13.59 10.84
N LEU B 51 5.07 12.39 10.58
CA LEU B 51 5.83 11.33 9.90
C LEU B 51 5.45 11.19 8.43
N LEU B 52 4.55 12.05 7.94
CA LEU B 52 4.14 12.00 6.53
C LEU B 52 5.32 12.18 5.56
N PRO B 53 6.28 13.06 5.88
CA PRO B 53 7.45 13.17 4.97
C PRO B 53 8.33 11.92 4.85
N SER B 54 8.09 10.91 5.70
CA SER B 54 8.77 9.61 5.63
C SER B 54 7.99 8.57 4.81
N ALA B 55 6.76 8.89 4.44
CA ALA B 55 5.91 7.95 3.70
C ALA B 55 6.35 7.75 2.24
N PRO B 56 6.49 8.84 1.45
CA PRO B 56 6.81 8.72 0.02
C PRO B 56 7.99 7.79 -0.28
N VAL B 57 9.06 7.94 0.48
CA VAL B 57 10.30 7.22 0.25
C VAL B 57 10.34 5.86 0.95
N GLY B 58 9.41 5.64 1.87
CA GLY B 58 9.25 4.33 2.51
C GLY B 58 10.14 4.06 3.71
N THR B 59 10.54 5.11 4.42
CA THR B 59 11.15 4.96 5.75
C THR B 59 10.10 4.43 6.71
N VAL B 60 8.86 4.88 6.51
CA VAL B 60 7.69 4.36 7.20
C VAL B 60 6.66 4.02 6.13
N ASP B 61 5.78 3.05 6.39
CA ASP B 61 4.69 2.75 5.47
C ASP B 61 3.52 3.70 5.76
N GLU B 62 2.70 3.96 4.74
CA GLU B 62 1.48 4.75 4.91
C GLU B 62 0.56 4.20 6.00
N LYS B 63 0.34 2.88 6.01
CA LYS B 63 -0.55 2.26 7.00
C LYS B 63 -0.04 2.42 8.43
N SER B 64 1.29 2.54 8.59
CA SER B 64 1.90 2.67 9.91
C SER B 64 1.52 3.97 10.60
N ILE B 65 1.30 5.04 9.85
CA ILE B 65 1.07 6.37 10.43
C ILE B 65 -0.39 6.84 10.41
N ILE B 66 -1.30 5.93 10.06
CA ILE B 66 -2.74 6.24 10.08
C ILE B 66 -3.47 5.28 11.00
N GLU B 67 -4.58 5.74 11.58
CA GLU B 67 -5.38 4.94 12.51
C GLU B 67 -6.85 5.21 12.25
N PRO B 68 -7.64 4.14 12.01
CA PRO B 68 -9.07 4.33 11.72
C PRO B 68 -9.80 5.05 12.84
N ILE B 69 -10.75 5.92 12.49
CA ILE B 69 -11.51 6.66 13.48
C ILE B 69 -12.22 5.70 14.43
N VAL B 70 -12.83 4.64 13.88
CA VAL B 70 -13.66 3.74 14.67
C VAL B 70 -12.93 3.20 15.89
N ASN B 71 -11.62 2.96 15.74
CA ASN B 71 -10.80 2.47 16.85
C ASN B 71 -10.78 3.44 18.02
N PHE B 72 -10.75 4.73 17.72
CA PHE B 72 -10.82 5.77 18.76
C PHE B 72 -12.21 5.81 19.39
N ALA B 73 -13.24 5.81 18.57
CA ALA B 73 -14.63 5.85 19.05
C ALA B 73 -15.04 4.58 19.80
N LEU B 74 -14.34 3.49 19.55
CA LEU B 74 -14.61 2.21 20.23
C LEU B 74 -14.16 2.24 21.70
N LYS B 75 -13.08 2.97 21.98
CA LYS B 75 -12.59 3.15 23.36
C LYS B 75 -13.54 4.01 24.20
N LYS B 76 -14.39 4.78 23.53
CA LYS B 76 -15.44 5.56 24.19
C LYS B 76 -16.69 4.68 24.32
N LYS B 77 -17.21 4.53 25.53
CA LYS B 77 -18.32 3.63 25.78
C LYS B 77 -19.66 4.17 25.27
N GLY B 78 -19.91 5.47 25.48
CA GLY B 78 -21.15 6.11 25.00
C GLY B 78 -21.30 6.12 23.50
N ASN B 79 -22.43 6.66 23.03
CA ASN B 79 -22.77 6.65 21.61
C ASN B 79 -21.85 7.55 20.77
N VAL B 80 -21.36 7.02 19.66
CA VAL B 80 -20.58 7.79 18.69
C VAL B 80 -21.02 7.42 17.27
N THR B 81 -21.24 8.43 16.43
CA THR B 81 -21.62 8.20 15.04
C THR B 81 -20.60 8.88 14.13
N TYR B 82 -20.21 8.19 13.04
CA TYR B 82 -19.28 8.75 12.08
C TYR B 82 -19.92 8.76 10.68
N TYR B 83 -19.99 9.96 10.10
CA TYR B 83 -20.45 10.15 8.73
C TYR B 83 -19.24 10.32 7.84
N GLU B 84 -18.99 9.33 6.99
CA GLU B 84 -17.89 9.43 6.02
C GLU B 84 -18.34 10.35 4.88
N ALA B 85 -18.14 11.64 5.07
CA ALA B 85 -18.57 12.66 4.12
C ALA B 85 -17.88 13.96 4.48
N GLU B 86 -18.00 14.97 3.62
CA GLU B 86 -17.41 16.28 3.92
C GLU B 86 -18.49 17.35 4.04
N ALA B 87 -18.29 18.24 5.01
CA ALA B 87 -19.21 19.36 5.22
C ALA B 87 -19.02 20.39 4.11
N THR B 88 -20.09 20.71 3.39
CA THR B 88 -20.06 21.73 2.33
C THR B 88 -20.59 23.08 2.77
N SER B 89 -21.41 23.10 3.83
CA SER B 89 -21.92 24.33 4.39
C SER B 89 -22.22 24.18 5.88
N ILE B 90 -21.90 25.21 6.65
CA ILE B 90 -22.31 25.33 8.04
C ILE B 90 -23.45 26.35 8.09
N ASN B 91 -24.54 25.98 8.76
CA ASN B 91 -25.75 26.80 8.82
C ASN B 91 -26.07 27.22 10.26
N PRO B 92 -25.57 28.41 10.68
CA PRO B 92 -25.72 28.87 12.07
C PRO B 92 -27.17 28.98 12.56
N ASP B 93 -28.04 29.58 11.75
CA ASP B 93 -29.43 29.79 12.14
C ASP B 93 -30.19 28.47 12.29
N ARG B 94 -29.99 27.54 11.37
CA ARG B 94 -30.60 26.21 11.44
C ARG B 94 -29.92 25.30 12.46
N ASN B 95 -28.68 25.64 12.83
CA ASN B 95 -27.81 24.77 13.62
C ASN B 95 -27.68 23.40 12.96
N THR B 96 -27.39 23.41 11.66
CA THR B 96 -27.14 22.18 10.91
C THR B 96 -25.91 22.35 10.02
N VAL B 97 -25.35 21.23 9.59
CA VAL B 97 -24.25 21.23 8.64
C VAL B 97 -24.63 20.37 7.45
N THR B 98 -24.61 20.96 6.26
CA THR B 98 -24.87 20.22 5.02
C THR B 98 -23.66 19.36 4.71
N ILE B 99 -23.88 18.12 4.28
CA ILE B 99 -22.78 17.24 3.88
C ILE B 99 -22.87 16.83 2.39
N LYS B 100 -21.79 16.24 1.89
CA LYS B 100 -21.66 15.86 0.48
C LYS B 100 -20.73 14.66 0.37
N SER B 101 -20.93 13.84 -0.66
CA SER B 101 -20.09 12.66 -0.94
C SER B 101 -20.11 11.66 0.22
N LEU B 102 -21.31 11.35 0.70
CA LEU B 102 -21.48 10.40 1.79
C LEU B 102 -21.13 8.98 1.31
N SER B 103 -20.04 8.44 1.86
CA SER B 103 -19.58 7.10 1.52
C SER B 103 -20.18 6.04 2.46
N ALA B 104 -20.30 6.39 3.74
CA ALA B 104 -20.76 5.43 4.76
C ALA B 104 -21.14 6.12 6.07
N VAL B 105 -21.96 5.44 6.86
CA VAL B 105 -22.31 5.88 8.21
C VAL B 105 -22.11 4.69 9.15
N SER B 106 -21.30 4.87 10.19
CA SER B 106 -21.11 3.85 11.22
C SER B 106 -21.61 4.37 12.56
N GLN B 107 -22.47 3.59 13.21
CA GLN B 107 -23.07 3.94 14.50
C GLN B 107 -22.57 2.97 15.56
N LEU B 108 -21.53 3.36 16.29
CA LEU B 108 -20.92 2.48 17.30
C LEU B 108 -21.67 2.52 18.62
N TYR B 109 -21.72 1.37 19.30
CA TYR B 109 -22.49 1.21 20.54
C TYR B 109 -23.90 1.81 20.41
N GLN B 110 -24.57 1.49 19.30
CA GLN B 110 -25.91 1.95 19.01
C GLN B 110 -26.69 0.83 18.32
N PRO B 111 -27.28 -0.07 19.11
CA PRO B 111 -28.15 -1.10 18.54
C PRO B 111 -29.56 -0.52 18.34
N GLU B 112 -29.68 0.43 17.41
CA GLU B 112 -30.92 1.20 17.26
C GLU B 112 -31.25 1.55 15.79
N ASN B 113 -31.34 2.84 15.47
CA ASN B 113 -32.10 3.30 14.30
C ASN B 113 -31.41 3.15 12.95
N HIS B 114 -32.21 3.33 11.90
CA HIS B 114 -31.75 3.36 10.51
C HIS B 114 -32.04 4.74 9.99
N LEU B 115 -30.99 5.45 9.55
CA LEU B 115 -31.11 6.86 9.17
C LEU B 115 -31.81 7.09 7.82
N GLY B 116 -31.79 6.08 6.95
CA GLY B 116 -32.44 6.18 5.64
C GLY B 116 -31.68 7.01 4.63
N LEU B 117 -30.35 6.87 4.63
CA LEU B 117 -29.47 7.62 3.73
C LEU B 117 -28.89 6.74 2.61
N HIS B 118 -28.58 7.38 1.49
CA HIS B 118 -27.97 6.71 0.34
C HIS B 118 -26.64 7.34 0.05
N GLN B 119 -25.77 6.61 -0.63
CA GLN B 119 -24.44 7.11 -0.96
C GLN B 119 -24.52 8.33 -1.89
N ALA B 120 -23.76 9.37 -1.56
CA ALA B 120 -23.76 10.63 -2.31
C ALA B 120 -25.16 11.28 -2.36
N GLU B 121 -25.88 11.20 -1.25
CA GLU B 121 -27.15 11.90 -1.10
C GLU B 121 -26.89 13.13 -0.21
N PRO B 122 -27.32 14.33 -0.65
CA PRO B 122 -27.16 15.51 0.22
C PRO B 122 -28.00 15.41 1.49
N ALA B 123 -27.44 15.89 2.59
CA ALA B 123 -28.10 15.79 3.90
C ALA B 123 -27.63 16.89 4.85
N GLU B 124 -28.52 17.30 5.76
CA GLU B 124 -28.16 18.22 6.83
C GLU B 124 -28.14 17.48 8.16
N ILE B 125 -27.03 17.61 8.89
CA ILE B 125 -26.89 17.01 10.22
C ILE B 125 -27.11 18.09 11.29
N LYS B 126 -28.14 17.91 12.12
CA LYS B 126 -28.46 18.85 13.20
C LYS B 126 -27.47 18.74 14.35
N TYR B 127 -27.21 19.86 15.01
CA TYR B 127 -26.31 19.88 16.18
C TYR B 127 -26.80 20.85 17.25
N ASP B 128 -26.48 20.53 18.50
CA ASP B 128 -26.67 21.46 19.62
C ASP B 128 -25.40 22.28 19.82
N TYR B 129 -24.25 21.60 19.72
CA TYR B 129 -22.94 22.26 19.71
C TYR B 129 -22.13 21.79 18.52
N LEU B 130 -21.32 22.68 17.96
CA LEU B 130 -20.47 22.34 16.80
C LEU B 130 -19.00 22.62 17.12
N ILE B 131 -18.14 21.65 16.82
CA ILE B 131 -16.70 21.84 16.93
C ILE B 131 -16.06 21.71 15.56
N SER B 132 -15.54 22.83 15.07
CA SER B 132 -14.93 22.87 13.74
C SER B 132 -13.43 22.62 13.86
N ALA B 133 -12.98 21.50 13.28
CA ALA B 133 -11.57 21.16 13.22
C ALA B 133 -11.22 20.61 11.84
N VAL B 134 -11.67 21.31 10.80
CA VAL B 134 -11.51 20.88 9.41
C VAL B 134 -10.10 21.13 8.85
N GLY B 135 -9.32 21.95 9.54
CA GLY B 135 -7.94 22.23 9.14
C GLY B 135 -7.84 23.32 8.10
N ALA B 136 -6.66 23.44 7.51
CA ALA B 136 -6.40 24.36 6.42
C ALA B 136 -5.99 23.56 5.19
N GLU B 137 -6.01 24.18 4.02
CA GLU B 137 -5.52 23.51 2.82
C GLU B 137 -4.28 24.24 2.30
N PRO B 138 -3.45 23.53 1.50
CA PRO B 138 -2.19 24.12 1.02
C PRO B 138 -2.41 25.39 0.21
N ASN B 139 -1.53 26.37 0.43
CA ASN B 139 -1.62 27.67 -0.20
C ASN B 139 -0.56 27.82 -1.29
N THR B 140 -1.02 28.10 -2.51
CA THR B 140 -0.13 28.28 -3.65
C THR B 140 0.21 29.75 -3.87
N PHE B 141 -0.47 30.64 -3.14
CA PHE B 141 -0.30 32.08 -3.30
C PHE B 141 -0.64 32.57 -4.71
N GLY B 142 -1.48 31.81 -5.41
CA GLY B 142 -1.86 32.10 -6.79
C GLY B 142 -0.71 32.06 -7.78
N ILE B 143 0.34 31.30 -7.47
CA ILE B 143 1.50 31.20 -8.35
C ILE B 143 1.21 30.20 -9.46
N PRO B 144 1.16 30.65 -10.73
CA PRO B 144 0.68 29.80 -11.82
C PRO B 144 1.44 28.47 -11.96
N GLY B 145 0.69 27.38 -12.13
CA GLY B 145 1.28 26.09 -12.43
C GLY B 145 1.60 25.19 -11.25
N VAL B 146 1.42 25.69 -10.03
CA VAL B 146 1.70 24.89 -8.83
C VAL B 146 0.85 23.62 -8.80
N THR B 147 -0.46 23.77 -8.90
CA THR B 147 -1.38 22.62 -8.83
C THR B 147 -1.31 21.75 -10.08
N ASP B 148 -1.02 22.36 -11.23
CA ASP B 148 -0.89 21.60 -12.49
C ASP B 148 0.27 20.61 -12.48
N TYR B 149 1.44 21.05 -12.03
CA TYR B 149 2.65 20.23 -12.12
C TYR B 149 3.26 19.82 -10.77
N GLY B 150 2.83 20.46 -9.68
CA GLY B 150 3.42 20.20 -8.36
C GLY B 150 2.58 19.28 -7.49
N HIS B 151 3.24 18.66 -6.51
CA HIS B 151 2.58 17.78 -5.55
C HIS B 151 2.68 18.37 -4.19
N PHE B 152 1.56 18.45 -3.49
CA PHE B 152 1.56 18.87 -2.11
C PHE B 152 2.01 17.69 -1.25
N LEU B 153 2.40 17.97 -0.01
CA LEU B 153 2.69 16.92 0.96
C LEU B 153 1.80 17.19 2.17
N LYS B 154 0.51 16.96 1.96
CA LYS B 154 -0.53 17.28 2.92
C LYS B 154 -1.27 16.03 3.45
N GLU B 155 -1.52 15.06 2.56
CA GLU B 155 -2.34 13.88 2.89
C GLU B 155 -1.69 12.58 2.38
N ILE B 156 -2.28 11.44 2.71
CA ILE B 156 -1.70 10.14 2.34
C ILE B 156 -1.63 9.93 0.82
N PRO B 157 -2.71 10.23 0.07
CA PRO B 157 -2.63 10.15 -1.39
C PRO B 157 -1.49 10.95 -2.02
N ASN B 158 -1.13 12.08 -1.42
CA ASN B 158 -0.01 12.86 -1.90
C ASN B 158 1.32 12.11 -1.78
N SER B 159 1.44 11.25 -0.78
CA SER B 159 2.63 10.41 -0.64
C SER B 159 2.79 9.47 -1.83
N LEU B 160 1.68 8.83 -2.22
CA LEU B 160 1.70 7.91 -3.36
C LEU B 160 1.95 8.66 -4.67
N GLU B 161 1.40 9.87 -4.79
CA GLU B 161 1.60 10.69 -6.00
C GLU B 161 3.08 10.95 -6.25
N ILE B 162 3.78 11.30 -5.18
CA ILE B 162 5.20 11.65 -5.25
C ILE B 162 6.03 10.42 -5.59
N ARG B 163 5.76 9.30 -4.94
CA ARG B 163 6.50 8.06 -5.21
C ARG B 163 6.34 7.62 -6.67
N ARG B 164 5.10 7.61 -7.17
CA ARG B 164 4.83 7.27 -8.58
C ARG B 164 5.58 8.19 -9.53
N THR B 165 5.58 9.49 -9.24
CA THR B 165 6.20 10.49 -10.11
C THR B 165 7.71 10.31 -10.20
N PHE B 166 8.35 10.22 -9.03
CA PHE B 166 9.79 10.05 -8.93
C PHE B 166 10.21 8.70 -9.49
N ALA B 167 9.46 7.65 -9.16
CA ALA B 167 9.73 6.31 -9.70
C ALA B 167 9.74 6.34 -11.23
N ALA B 168 8.69 6.93 -11.81
CA ALA B 168 8.59 7.07 -13.27
C ALA B 168 9.80 7.82 -13.84
N ASN B 169 10.16 8.92 -13.17
CA ASN B 169 11.33 9.71 -13.58
C ASN B 169 12.65 8.93 -13.54
N LEU B 170 12.86 8.12 -12.51
CA LEU B 170 14.07 7.31 -12.39
C LEU B 170 14.15 6.29 -13.53
N GLU B 171 13.01 5.69 -13.87
CA GLU B 171 12.97 4.72 -14.96
C GLU B 171 13.28 5.40 -16.30
N LYS B 172 12.59 6.49 -16.61
CA LYS B 172 12.82 7.27 -17.82
C LYS B 172 14.27 7.71 -17.92
N ALA B 173 14.80 8.25 -16.82
CA ALA B 173 16.17 8.73 -16.75
C ALA B 173 17.20 7.66 -17.09
N ASN B 174 17.08 6.50 -16.46
CA ASN B 174 18.07 5.44 -16.59
C ASN B 174 18.21 4.87 -18.00
N LEU B 175 17.21 5.10 -18.85
CA LEU B 175 17.27 4.69 -20.26
C LEU B 175 18.02 5.71 -21.15
N LEU B 176 18.45 6.84 -20.59
CA LEU B 176 19.13 7.88 -21.37
C LEU B 176 20.66 7.88 -21.15
N PRO B 177 21.42 8.48 -22.09
CA PRO B 177 22.87 8.61 -21.91
C PRO B 177 23.24 9.55 -20.77
N LYS B 178 24.39 9.31 -20.14
CA LYS B 178 24.80 10.06 -18.93
C LYS B 178 24.91 11.57 -19.16
N GLY B 179 25.41 11.97 -20.32
CA GLY B 179 25.51 13.38 -20.66
C GLY B 179 24.16 14.09 -20.78
N ASP B 180 23.14 13.37 -21.25
CA ASP B 180 21.86 13.96 -21.65
C ASP B 180 21.29 14.92 -20.58
N PRO B 181 20.99 16.17 -20.96
CA PRO B 181 20.40 17.09 -19.99
C PRO B 181 19.03 16.65 -19.47
N GLU B 182 18.24 15.95 -20.30
CA GLU B 182 16.96 15.39 -19.86
C GLU B 182 17.13 14.42 -18.71
N ARG B 183 18.21 13.64 -18.75
CA ARG B 183 18.52 12.73 -17.65
C ARG B 183 18.77 13.50 -16.36
N ARG B 184 19.55 14.58 -16.45
CA ARG B 184 19.82 15.43 -15.28
C ARG B 184 18.55 16.09 -14.74
N ARG B 185 17.66 16.51 -15.64
CA ARG B 185 16.40 17.13 -15.26
C ARG B 185 15.45 16.15 -14.58
N LEU B 186 15.28 14.97 -15.16
CA LEU B 186 14.38 13.97 -14.60
C LEU B 186 14.85 13.51 -13.23
N LEU B 187 16.15 13.53 -12.99
CA LEU B 187 16.75 13.15 -11.71
C LEU B 187 16.79 14.30 -10.71
N SER B 188 16.25 15.46 -11.09
CA SER B 188 16.26 16.64 -10.23
C SER B 188 14.96 16.81 -9.47
N ILE B 189 15.06 17.18 -8.19
CA ILE B 189 13.90 17.37 -7.32
C ILE B 189 13.94 18.74 -6.67
N VAL B 190 12.81 19.43 -6.62
CA VAL B 190 12.73 20.73 -5.98
C VAL B 190 11.63 20.71 -4.91
N VAL B 191 11.99 21.10 -3.69
CA VAL B 191 11.05 21.19 -2.58
C VAL B 191 10.89 22.65 -2.20
N VAL B 192 9.68 23.18 -2.27
CA VAL B 192 9.45 24.60 -1.95
C VAL B 192 8.98 24.75 -0.51
N GLY B 193 9.68 25.59 0.24
CA GLY B 193 9.40 25.78 1.66
C GLY B 193 10.52 25.21 2.51
N GLY B 194 11.00 26.00 3.46
CA GLY B 194 12.09 25.60 4.33
C GLY B 194 11.66 25.35 5.75
N GLY B 195 10.39 25.01 5.94
CA GLY B 195 9.88 24.62 7.26
C GLY B 195 10.21 23.17 7.55
N PRO B 196 9.71 22.64 8.67
CA PRO B 196 9.98 21.23 8.97
C PRO B 196 9.52 20.26 7.88
N THR B 197 8.38 20.51 7.27
CA THR B 197 7.86 19.62 6.23
C THR B 197 8.79 19.55 5.03
N GLY B 198 9.15 20.72 4.50
CA GLY B 198 10.05 20.80 3.35
C GLY B 198 11.40 20.19 3.65
N VAL B 199 12.01 20.63 4.75
CA VAL B 199 13.34 20.17 5.12
C VAL B 199 13.36 18.66 5.31
N GLU B 200 12.32 18.11 5.93
CA GLU B 200 12.24 16.68 6.18
C GLU B 200 11.93 15.89 4.91
N ALA B 201 11.11 16.45 4.03
CA ALA B 201 10.88 15.87 2.72
C ALA B 201 12.20 15.73 1.96
N ALA B 202 12.96 16.82 1.92
CA ALA B 202 14.25 16.83 1.25
C ALA B 202 15.22 15.81 1.86
N GLY B 203 15.24 15.76 3.19
CA GLY B 203 16.16 14.89 3.92
C GLY B 203 15.83 13.42 3.77
N GLU B 204 14.54 13.09 3.82
CA GLU B 204 14.10 11.73 3.61
C GLU B 204 14.38 11.30 2.17
N LEU B 205 14.08 12.18 1.21
CA LEU B 205 14.37 11.92 -0.21
C LEU B 205 15.86 11.74 -0.47
N GLN B 206 16.68 12.51 0.25
CA GLN B 206 18.13 12.37 0.16
C GLN B 206 18.61 11.07 0.80
N ASP B 207 17.99 10.67 1.92
CA ASP B 207 18.29 9.39 2.55
C ASP B 207 18.05 8.22 1.60
N TYR B 208 17.00 8.31 0.79
CA TYR B 208 16.70 7.25 -0.16
C TYR B 208 17.78 7.15 -1.24
N VAL B 209 18.14 8.29 -1.84
CA VAL B 209 19.10 8.32 -2.92
C VAL B 209 20.47 7.80 -2.50
N HIS B 210 20.95 8.25 -1.34
CA HIS B 210 22.26 7.82 -0.82
C HIS B 210 22.26 6.39 -0.33
N GLN B 211 21.24 6.02 0.45
CA GLN B 211 21.25 4.74 1.15
C GLN B 211 20.71 3.55 0.35
N ASP B 212 19.79 3.78 -0.59
CA ASP B 212 19.12 2.69 -1.30
C ASP B 212 19.38 2.66 -2.79
N LEU B 213 19.08 3.76 -3.47
CA LEU B 213 19.22 3.84 -4.92
C LEU B 213 20.68 3.69 -5.31
N ARG B 214 21.59 4.15 -4.45
CA ARG B 214 23.02 4.06 -4.72
C ARG B 214 23.51 2.61 -4.78
N LYS B 215 22.86 1.72 -4.04
CA LYS B 215 23.30 0.32 -3.95
C LYS B 215 23.22 -0.44 -5.28
N PHE B 216 22.19 -0.18 -6.07
CA PHE B 216 21.98 -0.92 -7.32
C PHE B 216 22.03 -0.06 -8.60
N LEU B 217 21.95 1.25 -8.46
CA LEU B 217 22.08 2.16 -9.60
C LEU B 217 22.88 3.39 -9.19
N PRO B 218 24.19 3.23 -8.97
CA PRO B 218 25.06 4.34 -8.53
C PRO B 218 25.23 5.44 -9.59
N ALA B 219 25.18 5.07 -10.87
CA ALA B 219 25.21 6.04 -11.96
C ALA B 219 24.04 7.02 -11.89
N LEU B 220 22.85 6.53 -11.58
CA LEU B 220 21.67 7.39 -11.39
C LEU B 220 21.80 8.21 -10.11
N ALA B 221 22.03 7.52 -8.99
CA ALA B 221 22.07 8.15 -7.67
C ALA B 221 23.05 9.34 -7.62
N GLU B 222 24.16 9.22 -8.33
CA GLU B 222 25.15 10.28 -8.41
C GLU B 222 24.58 11.54 -9.06
N GLU B 223 23.78 11.36 -10.11
CA GLU B 223 23.24 12.50 -10.87
C GLU B 223 22.01 13.17 -10.23
N VAL B 224 21.39 12.52 -9.24
CA VAL B 224 20.21 13.09 -8.59
C VAL B 224 20.61 14.31 -7.75
N GLN B 225 19.93 15.43 -7.98
CA GLN B 225 20.17 16.66 -7.23
C GLN B 225 18.85 17.16 -6.61
N ILE B 226 18.84 17.29 -5.29
CA ILE B 226 17.68 17.80 -4.58
C ILE B 226 17.88 19.29 -4.25
N HIS B 227 16.85 20.09 -4.50
CA HIS B 227 16.86 21.53 -4.22
C HIS B 227 15.84 21.87 -3.18
N LEU B 228 16.18 22.80 -2.30
CA LEU B 228 15.24 23.30 -1.29
C LEU B 228 15.15 24.82 -1.40
N VAL B 229 13.95 25.32 -1.69
CA VAL B 229 13.74 26.74 -1.97
C VAL B 229 12.96 27.39 -0.84
N GLU B 230 13.49 28.48 -0.30
CA GLU B 230 12.87 29.19 0.83
C GLU B 230 12.85 30.70 0.59
N ALA B 231 11.70 31.32 0.87
CA ALA B 231 11.49 32.73 0.62
C ALA B 231 12.18 33.64 1.63
N LEU B 232 12.28 33.17 2.88
CA LEU B 232 12.97 33.90 3.95
C LEU B 232 14.48 33.72 3.83
N PRO B 233 15.27 34.44 4.65
CA PRO B 233 16.72 34.25 4.61
C PRO B 233 17.23 33.15 5.55
N ILE B 234 16.32 32.38 6.13
CA ILE B 234 16.70 31.37 7.10
C ILE B 234 15.80 30.16 7.00
N VAL B 235 16.39 28.98 7.19
CA VAL B 235 15.63 27.73 7.23
C VAL B 235 15.20 27.47 8.67
N LEU B 236 13.98 26.95 8.84
CA LEU B 236 13.45 26.59 10.15
C LEU B 236 13.58 27.75 11.16
N ASN B 237 12.82 28.82 10.89
CA ASN B 237 12.91 30.06 11.67
C ASN B 237 12.38 29.97 13.11
N MET B 238 11.59 28.94 13.39
CA MET B 238 11.06 28.69 14.73
C MET B 238 12.14 28.22 15.70
N PHE B 239 13.27 27.78 15.17
CA PHE B 239 14.43 27.41 15.98
C PHE B 239 15.38 28.59 16.19
N GLU B 240 16.33 28.42 17.09
CA GLU B 240 17.38 29.41 17.30
C GLU B 240 18.29 29.48 16.06
N LYS B 241 18.95 30.61 15.86
CA LYS B 241 19.86 30.80 14.71
C LYS B 241 20.93 29.72 14.64
N LYS B 242 21.53 29.41 15.80
CA LYS B 242 22.57 28.38 15.88
C LYS B 242 22.09 27.05 15.29
N LEU B 243 20.85 26.66 15.60
CA LEU B 243 20.27 25.41 15.11
C LEU B 243 19.87 25.46 13.64
N SER B 244 19.35 26.60 13.20
CA SER B 244 19.07 26.83 11.77
C SER B 244 20.33 26.70 10.94
N SER B 245 21.41 27.34 11.39
CA SER B 245 22.71 27.31 10.70
C SER B 245 23.26 25.90 10.56
N TYR B 246 23.22 25.14 11.65
CA TYR B 246 23.59 23.73 11.63
C TYR B 246 22.66 22.94 10.72
N ALA B 247 21.37 23.26 10.73
CA ALA B 247 20.40 22.62 9.86
C ALA B 247 20.76 22.86 8.40
N GLN B 248 21.05 24.11 8.06
CA GLN B 248 21.42 24.49 6.70
C GLN B 248 22.74 23.87 6.31
N SER B 249 23.76 24.07 7.14
CA SER B 249 25.08 23.48 6.93
C SER B 249 25.01 21.97 6.65
N HIS B 250 24.19 21.28 7.44
CA HIS B 250 24.07 19.83 7.33
C HIS B 250 23.40 19.38 6.06
N LEU B 251 22.34 20.10 5.67
CA LEU B 251 21.64 19.80 4.41
C LEU B 251 22.62 19.95 3.24
N GLU B 252 23.40 21.02 3.26
CA GLU B 252 24.43 21.27 2.26
C GLU B 252 25.48 20.17 2.21
N ASN B 253 25.87 19.65 3.38
CA ASN B 253 26.84 18.55 3.46
C ASN B 253 26.37 17.30 2.74
N THR B 254 25.07 17.02 2.80
CA THR B 254 24.47 15.86 2.14
C THR B 254 24.11 16.13 0.68
N SER B 255 24.60 17.26 0.15
CA SER B 255 24.47 17.64 -1.27
C SER B 255 23.09 18.14 -1.68
N ILE B 256 22.33 18.69 -0.72
CA ILE B 256 21.09 19.39 -1.01
C ILE B 256 21.39 20.87 -1.26
N LYS B 257 20.88 21.40 -2.35
CA LYS B 257 21.17 22.78 -2.76
C LYS B 257 20.14 23.73 -2.16
N VAL B 258 20.56 24.52 -1.17
CA VAL B 258 19.66 25.40 -0.43
C VAL B 258 19.61 26.80 -1.03
N HIS B 259 18.47 27.16 -1.61
CA HIS B 259 18.27 28.49 -2.17
C HIS B 259 17.52 29.35 -1.18
N LEU B 260 18.26 30.15 -0.41
CA LEU B 260 17.66 31.05 0.56
C LEU B 260 17.26 32.36 -0.10
N ARG B 261 16.32 33.06 0.53
CA ARG B 261 15.78 34.32 0.00
C ARG B 261 15.25 34.19 -1.43
N THR B 262 14.76 33.01 -1.78
CA THR B 262 14.36 32.71 -3.16
C THR B 262 12.86 32.41 -3.21
N ALA B 263 12.13 33.14 -4.04
CA ALA B 263 10.69 32.97 -4.17
C ALA B 263 10.36 32.51 -5.58
N VAL B 264 9.44 31.55 -5.68
CA VAL B 264 9.00 31.05 -6.97
C VAL B 264 7.94 31.96 -7.58
N ALA B 265 8.26 32.54 -8.74
CA ALA B 265 7.33 33.42 -9.45
C ALA B 265 6.34 32.64 -10.31
N LYS B 266 6.77 31.48 -10.82
CA LYS B 266 5.95 30.69 -11.76
C LYS B 266 6.52 29.29 -11.91
N VAL B 267 5.62 28.32 -12.11
CA VAL B 267 6.00 26.92 -12.30
C VAL B 267 5.56 26.45 -13.69
N GLU B 268 6.53 25.98 -14.47
CA GLU B 268 6.27 25.42 -15.79
C GLU B 268 6.42 23.91 -15.73
N GLU B 269 6.05 23.25 -16.82
CA GLU B 269 6.05 21.79 -16.89
CA GLU B 269 6.05 21.79 -16.89
CA GLU B 269 6.06 21.78 -16.89
C GLU B 269 7.40 21.17 -16.52
N LYS B 270 8.49 21.78 -16.99
CA LYS B 270 9.83 21.22 -16.82
C LYS B 270 10.82 22.09 -16.02
N GLN B 271 10.34 23.19 -15.46
CA GLN B 271 11.21 24.12 -14.75
C GLN B 271 10.38 25.13 -13.98
N LEU B 272 10.98 25.79 -13.00
CA LEU B 272 10.30 26.87 -12.27
C LEU B 272 11.12 28.15 -12.31
N LEU B 273 10.43 29.28 -12.45
CA LEU B 273 11.08 30.58 -12.47
C LEU B 273 11.14 31.13 -11.05
N ALA B 274 12.37 31.30 -10.53
CA ALA B 274 12.59 31.77 -9.16
C ALA B 274 13.33 33.12 -9.12
N LYS B 275 12.88 34.01 -8.22
CA LYS B 275 13.54 35.30 -7.97
C LYS B 275 14.30 35.23 -6.65
N THR B 276 15.50 35.80 -6.62
CA THR B 276 16.36 35.77 -5.42
C THR B 276 16.85 37.17 -5.02
N LYS B 277 16.51 37.59 -3.81
CA LYS B 277 17.03 38.86 -3.25
C LYS B 277 18.41 38.60 -2.63
N HIS B 278 19.37 39.44 -2.97
CA HIS B 278 20.75 39.26 -2.49
C HIS B 278 21.06 40.20 -1.36
N GLU B 279 22.22 39.98 -0.72
CA GLU B 279 22.67 40.76 0.44
C GLU B 279 22.55 42.26 0.21
N ASP B 280 23.11 42.72 -0.91
CA ASP B 280 23.13 44.14 -1.25
C ASP B 280 21.75 44.74 -1.63
N GLY B 281 20.78 43.89 -1.95
CA GLY B 281 19.43 44.33 -2.26
C GLY B 281 19.00 44.14 -3.72
N LYS B 282 19.87 43.53 -4.53
CA LYS B 282 19.58 43.30 -5.95
C LYS B 282 18.76 42.02 -6.11
N ILE B 283 17.93 41.99 -7.16
CA ILE B 283 17.13 40.81 -7.48
C ILE B 283 17.63 40.16 -8.76
N THR B 284 17.85 38.84 -8.72
CA THR B 284 18.24 38.08 -9.91
C THR B 284 17.22 36.97 -10.16
N GLU B 285 17.08 36.60 -11.44
CA GLU B 285 16.17 35.54 -11.85
C GLU B 285 16.98 34.27 -12.07
N GLU B 286 16.45 33.14 -11.63
CA GLU B 286 17.03 31.84 -11.95
C GLU B 286 16.01 31.00 -12.70
N THR B 287 16.47 29.90 -13.25
CA THR B 287 15.62 28.84 -13.75
C THR B 287 16.13 27.55 -13.14
N ILE B 288 15.24 26.83 -12.47
CA ILE B 288 15.60 25.56 -11.85
C ILE B 288 14.83 24.46 -12.53
N PRO B 289 15.51 23.67 -13.40
CA PRO B 289 14.87 22.47 -13.94
C PRO B 289 14.49 21.50 -12.84
N TYR B 290 13.39 20.78 -13.06
CA TYR B 290 12.94 19.77 -12.10
C TYR B 290 12.21 18.65 -12.82
N GLY B 291 12.22 17.47 -12.20
CA GLY B 291 11.39 16.34 -12.60
C GLY B 291 10.27 16.09 -11.60
N THR B 292 10.57 16.29 -10.32
CA THR B 292 9.57 16.16 -9.27
C THR B 292 9.55 17.46 -8.45
N LEU B 293 8.36 18.04 -8.28
CA LEU B 293 8.19 19.26 -7.51
C LEU B 293 7.30 19.00 -6.31
N ILE B 294 7.83 19.24 -5.11
CA ILE B 294 7.06 19.08 -3.87
C ILE B 294 6.82 20.46 -3.28
N TRP B 295 5.55 20.80 -3.02
CA TRP B 295 5.16 22.14 -2.55
C TRP B 295 4.69 22.12 -1.12
N ALA B 296 5.57 22.52 -0.19
CA ALA B 296 5.27 22.45 1.24
C ALA B 296 5.44 23.82 1.90
N THR B 297 4.49 24.71 1.66
CA THR B 297 4.56 26.06 2.23
C THR B 297 3.28 26.39 3.01
N GLY B 298 2.55 27.42 2.59
CA GLY B 298 1.58 28.06 3.45
C GLY B 298 0.24 27.35 3.57
N ASN B 299 -0.57 27.85 4.49
CA ASN B 299 -1.91 27.36 4.74
C ASN B 299 -2.94 28.39 4.28
N LYS B 300 -4.08 27.90 3.81
CA LYS B 300 -5.19 28.75 3.42
C LYS B 300 -6.47 28.20 4.04
N ALA B 301 -7.43 29.08 4.29
CA ALA B 301 -8.73 28.70 4.85
C ALA B 301 -9.50 27.89 3.81
N ARG B 302 -10.24 26.89 4.27
CA ARG B 302 -11.04 26.07 3.37
C ARG B 302 -12.30 26.83 2.96
N PRO B 303 -12.87 26.48 1.78
CA PRO B 303 -14.12 27.10 1.32
C PRO B 303 -15.25 27.05 2.34
N VAL B 304 -15.37 25.93 3.05
CA VAL B 304 -16.40 25.73 4.06
C VAL B 304 -16.30 26.77 5.17
N ILE B 305 -15.06 27.11 5.51
CA ILE B 305 -14.77 28.10 6.55
C ILE B 305 -14.89 29.52 5.99
N THR B 306 -14.46 29.69 4.74
CA THR B 306 -14.59 30.96 4.03
C THR B 306 -16.06 31.36 3.85
N ASP B 307 -16.88 30.41 3.43
CA ASP B 307 -18.31 30.62 3.27
C ASP B 307 -18.96 31.06 4.59
N LEU B 308 -18.51 30.47 5.70
CA LEU B 308 -19.05 30.80 7.02
C LEU B 308 -18.69 32.22 7.49
N PHE B 309 -17.61 32.81 6.98
CA PHE B 309 -17.24 34.19 7.30
C PHE B 309 -18.36 35.17 6.94
N LYS B 310 -19.07 34.87 5.86
CA LYS B 310 -20.12 35.75 5.35
C LYS B 310 -21.42 35.64 6.16
N LYS B 311 -21.65 34.48 6.76
CA LYS B 311 -22.89 34.21 7.49
C LYS B 311 -22.91 34.74 8.93
N ILE B 312 -21.76 35.18 9.42
CA ILE B 312 -21.67 35.77 10.77
C ILE B 312 -21.04 37.15 10.67
N PRO B 313 -21.78 38.21 11.09
CA PRO B 313 -21.32 39.60 10.97
C PRO B 313 -19.88 39.85 11.42
N GLU B 314 -19.53 39.38 12.62
CA GLU B 314 -18.21 39.64 13.20
C GLU B 314 -17.10 38.80 12.58
N GLN B 315 -17.45 37.83 11.74
CA GLN B 315 -16.46 37.07 10.96
C GLN B 315 -16.27 37.64 9.54
N ASN B 316 -17.06 38.65 9.18
CA ASN B 316 -17.04 39.20 7.81
C ASN B 316 -15.66 39.60 7.31
N SER B 317 -14.81 40.12 8.19
CA SER B 317 -13.47 40.57 7.80
C SER B 317 -12.35 39.58 8.18
N SER B 318 -12.71 38.34 8.49
CA SER B 318 -11.72 37.28 8.76
C SER B 318 -11.06 36.83 7.47
N LYS B 319 -9.86 36.24 7.57
CA LYS B 319 -9.10 35.81 6.39
C LYS B 319 -8.40 34.47 6.59
N ARG B 320 -7.50 34.40 7.56
CA ARG B 320 -6.72 33.18 7.81
C ARG B 320 -7.51 32.06 8.50
N GLY B 321 -8.59 32.41 9.19
CA GLY B 321 -9.41 31.42 9.89
C GLY B 321 -10.51 32.09 10.70
N LEU B 322 -11.30 31.27 11.40
CA LEU B 322 -12.41 31.77 12.22
C LEU B 322 -11.86 32.50 13.44
N ALA B 323 -12.22 33.78 13.59
CA ALA B 323 -11.81 34.58 14.74
C ALA B 323 -12.49 34.05 16.01
N VAL B 324 -11.69 33.61 16.97
CA VAL B 324 -12.17 32.85 18.12
C VAL B 324 -11.94 33.59 19.45
N ASN B 325 -12.60 33.12 20.50
CA ASN B 325 -12.46 33.68 21.86
C ASN B 325 -11.28 33.10 22.63
N ASP B 326 -11.15 33.54 23.87
CA ASP B 326 -10.26 32.90 24.84
C ASP B 326 -10.84 31.56 25.31
N PHE B 327 -12.14 31.35 25.11
CA PHE B 327 -12.80 30.07 25.37
C PHE B 327 -12.92 29.22 24.10
N LEU B 328 -12.27 29.66 23.03
CA LEU B 328 -12.27 28.98 21.73
C LEU B 328 -13.67 28.90 21.10
N GLN B 329 -14.56 29.80 21.51
CA GLN B 329 -15.85 29.98 20.87
C GLN B 329 -15.67 30.90 19.66
N VAL B 330 -16.36 30.59 18.56
CA VAL B 330 -16.34 31.44 17.39
C VAL B 330 -17.10 32.73 17.68
N LYS B 331 -16.43 33.87 17.52
CA LYS B 331 -17.04 35.18 17.78
C LYS B 331 -18.28 35.37 16.92
N GLY B 332 -19.37 35.81 17.55
CA GLY B 332 -20.64 36.00 16.85
C GLY B 332 -21.59 34.82 16.95
N SER B 333 -21.08 33.63 17.26
CA SER B 333 -21.91 32.45 17.44
C SER B 333 -22.05 32.10 18.91
N ASN B 334 -23.16 31.45 19.23
CA ASN B 334 -23.47 31.06 20.60
C ASN B 334 -23.11 29.61 20.91
N ASN B 335 -23.01 28.77 19.88
CA ASN B 335 -22.77 27.33 20.06
C ASN B 335 -21.71 26.70 19.16
N ILE B 336 -20.96 27.51 18.42
CA ILE B 336 -19.90 27.00 17.55
C ILE B 336 -18.54 27.31 18.16
N PHE B 337 -17.67 26.30 18.15
CA PHE B 337 -16.30 26.45 18.63
C PHE B 337 -15.36 26.04 17.49
N ALA B 338 -14.14 26.58 17.52
CA ALA B 338 -13.16 26.32 16.46
C ALA B 338 -11.79 26.04 17.07
N ILE B 339 -11.17 24.93 16.67
CA ILE B 339 -9.84 24.57 17.14
C ILE B 339 -8.95 24.18 15.97
N GLY B 340 -7.64 24.32 16.15
CA GLY B 340 -6.66 23.94 15.15
C GLY B 340 -6.49 24.97 14.04
N ASP B 341 -6.00 24.52 12.89
CA ASP B 341 -5.68 25.41 11.77
C ASP B 341 -6.85 26.21 11.20
N ASN B 342 -8.07 25.75 11.40
CA ASN B 342 -9.24 26.45 10.84
C ASN B 342 -9.68 27.64 11.67
N ALA B 343 -9.15 27.75 12.89
CA ALA B 343 -9.45 28.85 13.80
C ALA B 343 -8.23 29.74 13.94
N PHE B 344 -8.46 31.06 14.00
CA PHE B 344 -7.39 32.03 14.21
C PHE B 344 -7.44 32.55 15.64
N ALA B 345 -6.50 32.10 16.47
CA ALA B 345 -6.39 32.53 17.85
C ALA B 345 -5.08 33.24 18.10
N GLY B 346 -4.42 33.69 17.03
CA GLY B 346 -3.11 34.32 17.12
C GLY B 346 -2.00 33.36 17.48
N LEU B 347 -2.19 32.08 17.19
CA LEU B 347 -1.21 31.04 17.53
C LEU B 347 -0.70 30.33 16.27
N PRO B 348 0.44 29.64 16.37
CA PRO B 348 0.94 28.96 15.17
C PRO B 348 0.02 27.84 14.70
N PRO B 349 -0.02 27.60 13.38
CA PRO B 349 -0.80 26.49 12.86
C PRO B 349 -0.02 25.18 13.01
N THR B 350 -0.08 24.61 14.22
CA THR B 350 0.66 23.38 14.53
C THR B 350 -0.24 22.34 15.19
N ALA B 351 0.20 21.09 15.11
CA ALA B 351 -0.48 19.98 15.78
C ALA B 351 -0.45 20.18 17.29
N GLN B 352 0.68 20.68 17.77
CA GLN B 352 0.88 20.98 19.19
C GLN B 352 -0.22 21.90 19.71
N VAL B 353 -0.54 22.96 18.96
CA VAL B 353 -1.61 23.89 19.35
C VAL B 353 -2.99 23.24 19.27
N ALA B 354 -3.23 22.48 18.19
CA ALA B 354 -4.51 21.80 18.00
C ALA B 354 -4.79 20.81 19.13
N HIS B 355 -3.75 20.09 19.55
CA HIS B 355 -3.83 19.14 20.65
C HIS B 355 -4.23 19.81 21.94
N GLN B 356 -3.50 20.86 22.33
CA GLN B 356 -3.80 21.57 23.57
C GLN B 356 -5.19 22.20 23.56
N GLU B 357 -5.52 22.90 22.48
CA GLU B 357 -6.85 23.49 22.31
C GLU B 357 -7.98 22.47 22.47
N ALA B 358 -7.76 21.27 21.94
CA ALA B 358 -8.74 20.19 22.03
C ALA B 358 -8.93 19.75 23.48
N GLU B 359 -7.83 19.47 24.17
CA GLU B 359 -7.88 19.09 25.59
C GLU B 359 -8.56 20.16 26.43
N TYR B 360 -8.18 21.42 26.19
CA TYR B 360 -8.79 22.55 26.89
C TYR B 360 -10.30 22.56 26.70
N LEU B 361 -10.74 22.41 25.45
CA LEU B 361 -12.17 22.49 25.12
C LEU B 361 -12.95 21.31 25.70
N ALA B 362 -12.38 20.10 25.61
CA ALA B 362 -13.02 18.91 26.14
C ALA B 362 -13.25 19.03 27.65
N LYS B 363 -12.26 19.56 28.36
CA LYS B 363 -12.37 19.76 29.80
C LYS B 363 -13.41 20.83 30.15
N ASN B 364 -13.54 21.85 29.30
CA ASN B 364 -14.62 22.82 29.45
C ASN B 364 -16.01 22.21 29.29
N PHE B 365 -16.12 21.17 28.46
CA PHE B 365 -17.42 20.61 28.11
C PHE B 365 -18.06 19.77 29.22
N ASP B 366 -17.26 18.97 29.92
CA ASP B 366 -17.80 18.23 31.08
C ASP B 366 -18.04 19.17 32.28
N LYS B 367 -17.41 20.34 32.26
CA LYS B 367 -17.65 21.40 33.23
C LYS B 367 -19.00 22.07 32.94
N MET B 368 -19.29 22.27 31.65
CA MET B 368 -20.61 22.77 31.21
C MET B 368 -21.72 21.80 31.62
N ALA B 369 -21.45 20.50 31.48
CA ALA B 369 -22.46 19.46 31.73
C ALA B 369 -22.98 19.45 33.16
N GLN B 370 -22.15 19.89 34.11
CA GLN B 370 -22.53 19.94 35.53
C GLN B 370 -23.34 21.19 35.90
N ILE B 371 -23.23 22.25 35.10
CA ILE B 371 -23.94 23.51 35.36
C ILE B 371 -25.32 23.50 34.69
N PRO B 372 -26.40 23.66 35.49
CA PRO B 372 -27.80 23.61 35.02
C PRO B 372 -28.12 24.43 33.77
N ASN B 373 -27.55 25.63 33.66
CA ASN B 373 -27.89 26.57 32.58
C ASN B 373 -27.63 26.04 31.17
N PHE B 374 -26.63 25.17 31.02
CA PHE B 374 -26.28 24.60 29.72
C PHE B 374 -27.15 23.39 29.32
N GLN B 375 -28.14 23.06 30.15
CA GLN B 375 -29.09 21.98 29.85
C GLN B 375 -29.99 22.39 28.70
N LYS B 384 -24.85 35.13 25.22
CA LYS B 384 -25.72 34.28 26.02
C LYS B 384 -24.94 33.10 26.63
N ILE B 385 -24.07 32.49 25.84
CA ILE B 385 -23.12 31.47 26.32
C ILE B 385 -21.75 32.09 26.60
N ASP B 386 -21.36 33.09 25.80
CA ASP B 386 -20.19 33.93 26.06
C ASP B 386 -20.13 34.42 27.51
N LEU B 387 -21.26 34.91 28.01
CA LEU B 387 -21.34 35.49 29.35
C LEU B 387 -21.30 34.43 30.45
N LEU B 388 -21.88 33.26 30.18
CA LEU B 388 -21.86 32.15 31.14
C LEU B 388 -20.44 31.69 31.47
N PHE B 389 -19.56 31.72 30.47
CA PHE B 389 -18.15 31.34 30.66
C PHE B 389 -17.46 32.19 31.72
N GLU B 390 -17.48 33.51 31.54
CA GLU B 390 -16.84 34.43 32.48
C GLU B 390 -17.59 34.53 33.82
N GLU B 391 -18.90 34.28 33.79
CA GLU B 391 -19.71 34.32 35.00
C GLU B 391 -19.45 33.12 35.91
N ASN B 392 -19.33 31.93 35.31
CA ASN B 392 -19.13 30.70 36.08
C ASN B 392 -17.66 30.38 36.40
N ASN B 393 -16.78 31.35 36.18
CA ASN B 393 -15.39 31.27 36.65
C ASN B 393 -14.63 30.04 36.17
N PHE B 394 -14.28 30.02 34.89
CA PHE B 394 -13.23 29.10 34.44
C PHE B 394 -12.37 29.71 33.33
N LYS B 395 -11.17 29.15 33.22
CA LYS B 395 -10.02 29.87 32.68
C LYS B 395 -10.03 30.04 31.17
N PRO B 396 -9.46 31.16 30.67
CA PRO B 396 -9.23 31.30 29.24
C PRO B 396 -8.14 30.32 28.78
N PHE B 397 -8.18 29.91 27.53
CA PHE B 397 -7.16 29.01 26.99
C PHE B 397 -5.81 29.72 26.96
N LYS B 398 -4.79 29.05 27.51
CA LYS B 398 -3.43 29.56 27.53
C LYS B 398 -2.50 28.52 26.87
N TYR B 399 -1.94 28.85 25.73
CA TYR B 399 -1.05 27.95 25.00
C TYR B 399 0.32 27.86 25.65
N ASN B 400 0.74 26.63 26.00
CA ASN B 400 2.08 26.38 26.51
C ASN B 400 2.93 25.80 25.38
N ASP B 401 3.97 26.53 24.99
CA ASP B 401 4.81 26.14 23.86
C ASP B 401 5.89 25.14 24.28
N LEU B 402 5.69 23.88 23.92
CA LEU B 402 6.62 22.81 24.31
C LEU B 402 7.86 22.78 23.44
N GLY B 403 7.90 23.60 22.39
CA GLY B 403 9.10 23.76 21.56
C GLY B 403 8.94 23.17 20.17
N ALA B 404 10.05 22.69 19.60
CA ALA B 404 10.07 22.25 18.20
C ALA B 404 11.13 21.19 17.91
N LEU B 405 10.77 20.23 17.07
CA LEU B 405 11.66 19.14 16.63
C LEU B 405 11.78 19.17 15.10
N ALA B 406 12.86 18.63 14.56
CA ALA B 406 13.03 18.53 13.11
C ALA B 406 14.12 17.54 12.71
N TYR B 407 13.81 16.67 11.75
CA TYR B 407 14.79 15.72 11.18
C TYR B 407 15.43 16.31 9.93
N LEU B 408 16.75 16.15 9.80
CA LEU B 408 17.52 16.78 8.74
C LEU B 408 18.12 15.80 7.74
N GLY B 409 17.76 14.52 7.86
CA GLY B 409 18.35 13.47 7.02
C GLY B 409 19.62 12.90 7.62
N SER B 410 20.13 11.83 7.02
CA SER B 410 21.40 11.21 7.40
C SER B 410 21.58 11.05 8.91
N GLU B 411 20.51 10.63 9.59
CA GLU B 411 20.56 10.35 11.02
C GLU B 411 21.00 11.53 11.88
N ARG B 412 20.53 12.73 11.54
CA ARG B 412 20.74 13.91 12.36
C ARG B 412 19.42 14.65 12.50
N ALA B 413 19.18 15.23 13.68
CA ALA B 413 17.99 16.04 13.93
C ALA B 413 18.34 17.23 14.82
N ILE B 414 17.43 18.18 14.89
CA ILE B 414 17.54 19.31 15.83
C ILE B 414 16.27 19.39 16.67
N ALA B 415 16.44 19.73 17.95
CA ALA B 415 15.32 19.75 18.88
C ALA B 415 15.45 20.90 19.87
N THR B 416 14.30 21.37 20.35
CA THR B 416 14.24 22.32 21.47
C THR B 416 13.01 22.02 22.31
N ILE B 417 13.21 21.34 23.43
CA ILE B 417 12.14 21.02 24.37
C ILE B 417 12.14 22.05 25.50
N ARG B 418 11.02 22.73 25.68
CA ARG B 418 10.86 23.73 26.74
C ARG B 418 9.46 23.69 27.34
N SER B 419 9.24 24.48 28.39
CA SER B 419 7.92 24.60 29.01
C SER B 419 7.81 25.90 29.81
N GLY B 420 7.08 26.85 29.24
CA GLY B 420 6.97 28.19 29.82
C GLY B 420 8.21 28.99 29.47
N LYS B 421 8.96 29.40 30.49
CA LYS B 421 10.22 30.12 30.30
C LYS B 421 11.39 29.14 30.18
N ARG B 422 11.34 28.07 30.97
CA ARG B 422 12.47 27.13 31.09
C ARG B 422 12.72 26.32 29.81
N THR B 423 13.92 26.45 29.28
CA THR B 423 14.39 25.63 28.15
C THR B 423 15.36 24.58 28.68
N PHE B 424 15.20 23.34 28.24
CA PHE B 424 16.03 22.23 28.71
C PHE B 424 16.12 21.12 27.67
N TYR B 425 16.87 21.38 26.60
CA TYR B 425 16.89 20.52 25.41
C TYR B 425 18.25 19.90 25.15
N THR B 426 18.28 18.96 24.19
CA THR B 426 19.53 18.39 23.68
C THR B 426 19.44 18.35 22.15
N GLY B 427 19.94 19.39 21.50
CA GLY B 427 19.64 19.65 20.08
C GLY B 427 20.83 19.64 19.13
N GLY B 428 21.75 18.70 19.34
CA GLY B 428 22.93 18.55 18.50
C GLY B 428 22.62 17.90 17.18
N GLY B 429 23.02 16.64 17.03
CA GLY B 429 22.85 15.89 15.78
C GLY B 429 22.39 14.46 15.97
N LEU B 430 23.35 13.54 16.10
CA LEU B 430 23.04 12.10 16.18
C LEU B 430 22.30 11.72 17.45
N MET B 431 22.62 12.36 18.57
CA MET B 431 21.92 12.13 19.83
C MET B 431 20.48 12.62 19.71
N THR B 432 20.32 13.82 19.17
CA THR B 432 19.00 14.43 18.96
C THR B 432 18.12 13.59 18.04
N PHE B 433 18.74 12.85 17.12
CA PHE B 433 18.02 11.94 16.24
C PHE B 433 17.35 10.82 17.03
N TYR B 434 18.10 10.22 17.96
CA TYR B 434 17.54 9.18 18.83
C TYR B 434 16.43 9.75 19.71
N LEU B 435 16.63 10.96 20.23
CA LEU B 435 15.60 11.66 20.98
C LEU B 435 14.40 11.92 20.09
N TRP B 436 14.65 12.46 18.90
CA TRP B 436 13.60 12.75 17.91
C TRP B 436 12.73 11.56 17.62
N ARG B 437 13.34 10.37 17.56
CA ARG B 437 12.59 9.13 17.35
C ARG B 437 11.73 8.79 18.54
N ILE B 438 12.34 8.68 19.72
CA ILE B 438 11.63 8.29 20.94
C ILE B 438 10.46 9.24 21.22
N LEU B 439 10.67 10.53 20.97
CA LEU B 439 9.67 11.54 21.27
C LEU B 439 8.49 11.45 20.31
N TYR B 440 8.79 11.24 19.02
CA TYR B 440 7.75 11.03 18.02
C TYR B 440 6.94 9.76 18.28
N LEU B 441 7.62 8.70 18.72
CA LEU B 441 6.94 7.46 19.12
C LEU B 441 5.96 7.69 20.28
N SER B 442 6.37 8.52 21.24
CA SER B 442 5.58 8.73 22.44
C SER B 442 4.33 9.59 22.22
N MET B 443 4.34 10.43 21.19
CA MET B 443 3.17 11.29 20.93
C MET B 443 2.29 10.80 19.76
N ILE B 444 2.50 9.55 19.35
CA ILE B 444 1.57 8.87 18.45
C ILE B 444 0.33 8.49 19.25
N LEU B 445 -0.84 8.69 18.67
CA LEU B 445 -2.12 8.58 19.40
C LEU B 445 -2.64 7.15 19.66
N SER B 446 -2.02 6.14 19.05
CA SER B 446 -2.48 4.76 19.22
C SER B 446 -1.32 3.78 19.35
N ALA B 447 -1.57 2.67 20.05
CA ALA B 447 -0.56 1.64 20.24
C ALA B 447 -0.19 0.95 18.92
N ARG B 448 -1.18 0.74 18.05
CA ARG B 448 -0.98 0.06 16.78
C ARG B 448 0.01 0.83 15.93
N SER B 449 -0.31 2.10 15.67
CA SER B 449 0.55 2.97 14.88
C SER B 449 1.95 3.04 15.49
N ARG B 450 2.02 3.06 16.81
CA ARG B 450 3.29 3.09 17.54
C ARG B 450 4.13 1.85 17.25
N LEU B 451 3.53 0.67 17.35
CA LEU B 451 4.22 -0.58 17.07
C LEU B 451 4.60 -0.72 15.60
N LYS B 452 3.75 -0.19 14.71
CA LYS B 452 3.98 -0.26 13.27
C LYS B 452 5.21 0.54 12.88
N VAL B 453 5.27 1.79 13.30
CA VAL B 453 6.43 2.62 13.01
C VAL B 453 7.68 2.03 13.66
N PHE B 454 7.54 1.53 14.89
CA PHE B 454 8.65 0.88 15.58
C PHE B 454 9.21 -0.27 14.74
N PHE B 455 8.34 -1.13 14.23
CA PHE B 455 8.77 -2.22 13.35
C PHE B 455 9.35 -1.70 12.04
N ASP B 456 8.79 -0.63 11.50
CA ASP B 456 9.33 -0.01 10.30
C ASP B 456 10.80 0.40 10.49
N TRP B 457 11.12 1.02 11.61
CA TRP B 457 12.49 1.47 11.88
C TRP B 457 13.46 0.35 12.11
N ILE B 458 13.00 -0.73 12.73
CA ILE B 458 13.85 -1.91 12.93
C ILE B 458 14.18 -2.53 11.58
N LYS B 459 13.16 -2.72 10.75
CA LYS B 459 13.33 -3.25 9.39
C LYS B 459 14.27 -2.37 8.57
N LEU B 460 14.18 -1.06 8.77
CA LEU B 460 15.01 -0.10 8.04
C LEU B 460 16.49 -0.34 8.35
N ALA B 461 16.78 -0.56 9.63
CA ALA B 461 18.15 -0.88 10.07
C ALA B 461 18.78 -2.01 9.27
N PHE B 462 18.02 -3.04 8.95
CA PHE B 462 18.54 -4.24 8.26
C PHE B 462 18.34 -4.24 6.73
N PHE B 463 17.21 -3.75 6.25
CA PHE B 463 16.82 -3.94 4.83
C PHE B 463 16.51 -2.67 4.03
N LYS B 464 16.52 -1.52 4.70
CA LYS B 464 16.48 -0.21 4.03
C LYS B 464 15.43 0.05 2.91
N ARG B 465 14.17 0.18 3.32
CA ARG B 465 13.11 0.84 2.51
C ARG B 465 12.53 0.11 1.29
N ASP B 466 11.20 0.13 1.23
CA ASP B 466 10.42 -0.35 0.09
C ASP B 466 9.98 0.83 -0.77
N PHE B 467 10.25 0.76 -2.06
CA PHE B 467 9.94 1.85 -3.00
C PHE B 467 9.11 1.34 -4.18
N PHE B 468 7.99 0.66 -3.89
CA PHE B 468 7.14 0.09 -4.94
C PHE B 468 6.24 1.15 -5.54
N LYS B 469 6.27 1.31 -6.86
CA LYS B 469 5.55 2.39 -7.53
C LYS B 469 4.03 2.15 -7.63
N GLY B 470 3.62 0.89 -7.57
CA GLY B 470 2.20 0.55 -7.67
C GLY B 470 1.58 0.14 -6.35
N LEU B 471 2.24 0.47 -5.24
CA LEU B 471 1.80 0.02 -3.93
C LEU B 471 2.17 1.05 -2.86
#